data_9K1V
#
_entry.id   9K1V
#
loop_
_entity.id
_entity.type
_entity.pdbx_description
1 polymer 'Fragment antigen binding heavy chain'
2 polymer 'Fragment antigen binding light chain'
3 polymer 'Sodium- and chloride-dependent taurine transporter'
4 non-polymer 'CHLORIDE ION'
5 non-polymer '5-Aminovaleric Acid'
6 water water
#
loop_
_entity_poly.entity_id
_entity_poly.type
_entity_poly.pdbx_seq_one_letter_code
_entity_poly.pdbx_strand_id
1 'polypeptide(L)'
;EVQLVESGGGLVKPGGSLKLSCAASGFTFSSYAMSWVRQSPEKRLEWVAEISSGGRYIYYSDTVTGRFTISRDNARNILH
LEMSSLRSEDTAMYYCARGEVRQRGFDYWGQGTTLTVS
;
H
2 'polypeptide(L)'
;ENVLTQSPAIMSTSPGEKVTMTCRASSSVGSSYLHWYQQKSGASPKLWIYSTSNLASGVPARFSGSGSGTSYSLTISSVE
AEDAATYYCQQFSGYPLTFGSGTKLEMGSDEVDAGSHHHHHHHHHHGSVEDYKDDDDK
;
L
3 'polypeptide(L)'
;MATKEKLQCLKDFHKDILKPSPGKSPGTRPEDEAEGKPPQREKWSSKIDFVLSVAGGFVGLGNVWRFPYLCYKNGGGAFL
IPYFIFLFGSGLPVFFLEIIIGQYTSEGGITCWEKICPLFSGIGYASVVIVSLLNVYYIVILAWATYYLFQSFQKELPWA
HCNHSWNTPHCMEDTMRKNKSVWITISSTNFTSPVIEFWERNVLSLSPGIDHPGSLKWDLALCLLLVWLVCFFCIWKGVR
STGKVVYFTATFPFAMLLVLLVRGLTLPGAGAGIKFYLYPDITRLEDPQVWIDAGTQIFFSYAICLGAMTSLGSYNKYHN
NVYRDCMLLGCLNSGTSFVSGFAIFSILGFMAQEQGVDIADVAESGPGLAFIAYPKAVTMMPLPTFWSILFFIMLLLLGL
DSQFVEVEGQITSLVDLYPSFLRKGYRREIFIAFVCSISYLLGLTMVTEGGMYVFQLFDYYAASGVCLLWVAFFECFVIA
WIYGGNRFSEDIRDMIGFPPGPWMKYSWAVITPVLCVGCFIFSLVKYVPLTYNKTYVYPNWAIGLGWSLALSSMLCVPLV
IVIRLCQTEGPFLVRVKYLLTPREPNRWAVEREGATPYNSRTVMNGALVKPTHIIVETMMGSDEVDAGSHHHHHHHHHHG
SVEDYKDDDDK
;
A
#
loop_
_chem_comp.id
_chem_comp.type
_chem_comp.name
_chem_comp.formula
CL non-polymer 'CHLORIDE ION' 'Cl -1'
KFB non-polymer '5-Aminovaleric Acid' 'C5 H11 N O2'
#
# COMPACT_ATOMS: atom_id res chain seq x y z
N GLU A 1 0.16 18.15 26.62
CA GLU A 1 1.24 19.00 27.09
C GLU A 1 0.72 20.22 27.84
N VAL A 2 1.35 20.55 28.97
CA VAL A 2 0.94 21.68 29.78
C VAL A 2 2.11 22.64 29.99
N GLN A 3 3.21 22.13 30.54
CA GLN A 3 4.32 22.95 30.98
C GLN A 3 5.59 22.62 30.23
N LEU A 4 6.29 23.65 29.75
CA LEU A 4 7.65 23.54 29.26
C LEU A 4 8.45 24.68 29.85
N VAL A 5 9.51 24.37 30.60
CA VAL A 5 10.29 25.36 31.32
C VAL A 5 11.76 25.16 30.99
N GLU A 6 12.43 26.22 30.55
CA GLU A 6 13.87 26.20 30.35
C GLU A 6 14.59 26.74 31.58
N SER A 7 15.86 26.35 31.71
CA SER A 7 16.70 26.79 32.82
C SER A 7 18.15 26.66 32.42
N GLY A 8 19.02 27.30 33.19
CA GLY A 8 20.45 27.23 32.97
C GLY A 8 21.06 28.43 32.27
N GLY A 9 20.26 29.41 31.85
CA GLY A 9 20.81 30.58 31.20
C GLY A 9 21.59 31.46 32.15
N GLY A 10 22.51 32.22 31.59
CA GLY A 10 23.33 33.10 32.40
C GLY A 10 24.30 33.89 31.55
N LEU A 11 25.24 34.54 32.22
CA LEU A 11 26.26 35.36 31.57
C LEU A 11 27.54 34.55 31.40
N VAL A 12 28.07 34.56 30.19
CA VAL A 12 29.32 33.88 29.85
C VAL A 12 30.21 34.84 29.08
N LYS A 13 31.38 34.34 28.69
CA LYS A 13 32.37 35.09 27.94
C LYS A 13 32.56 34.45 26.57
N PRO A 14 33.03 35.21 25.58
CA PRO A 14 33.27 34.62 24.25
C PRO A 14 34.28 33.47 24.34
N GLY A 15 33.99 32.41 23.58
CA GLY A 15 34.79 31.21 23.65
C GLY A 15 34.49 30.29 24.80
N GLY A 16 33.52 30.63 25.65
CA GLY A 16 33.17 29.81 26.79
C GLY A 16 32.18 28.71 26.44
N SER A 17 31.72 28.03 27.48
CA SER A 17 30.78 26.92 27.32
C SER A 17 29.65 27.07 28.33
N LEU A 18 28.48 26.59 27.93
CA LEU A 18 27.30 26.61 28.79
C LEU A 18 26.35 25.50 28.36
N LYS A 19 25.61 24.97 29.33
CA LYS A 19 24.64 23.91 29.10
C LYS A 19 23.27 24.40 29.49
N LEU A 20 22.35 24.38 28.53
CA LEU A 20 20.96 24.79 28.75
C LEU A 20 20.09 23.56 28.97
N SER A 21 19.03 23.73 29.75
CA SER A 21 18.12 22.65 30.10
C SER A 21 16.68 23.08 29.86
N CYS A 22 15.84 22.09 29.54
CA CYS A 22 14.41 22.31 29.33
C CYS A 22 13.64 21.15 29.94
N ALA A 23 12.98 21.40 31.06
CA ALA A 23 12.17 20.38 31.71
C ALA A 23 10.78 20.34 31.09
N ALA A 24 10.24 19.13 30.93
CA ALA A 24 8.94 18.92 30.33
C ALA A 24 8.04 18.14 31.27
N SER A 25 6.75 18.45 31.23
CA SER A 25 5.77 17.78 32.07
C SER A 25 4.41 17.86 31.40
N GLY A 26 3.49 17.01 31.86
CA GLY A 26 2.14 16.98 31.34
C GLY A 26 1.95 16.14 30.10
N PHE A 27 2.99 15.50 29.59
CA PHE A 27 2.88 14.67 28.39
C PHE A 27 4.03 13.66 28.39
N THR A 28 3.89 12.64 27.55
CA THR A 28 4.93 11.63 27.37
C THR A 28 6.09 12.25 26.61
N PHE A 29 7.17 12.57 27.33
CA PHE A 29 8.31 13.25 26.71
C PHE A 29 8.95 12.39 25.62
N SER A 30 9.07 11.08 25.88
CA SER A 30 9.79 10.20 24.95
C SER A 30 9.10 10.09 23.59
N SER A 31 7.80 10.35 23.51
CA SER A 31 7.05 10.13 22.28
C SER A 31 6.90 11.39 21.42
N TYR A 32 7.42 12.53 21.86
CA TYR A 32 7.37 13.77 21.09
C TYR A 32 8.78 14.31 20.86
N ALA A 33 9.04 14.72 19.63
CA ALA A 33 10.32 15.35 19.30
C ALA A 33 10.40 16.76 19.87
N MET A 34 11.62 17.23 20.08
CA MET A 34 11.88 18.53 20.67
C MET A 34 12.82 19.33 19.79
N SER A 35 12.68 20.66 19.84
CA SER A 35 13.52 21.57 19.07
C SER A 35 13.78 22.83 19.87
N TRP A 36 14.89 23.48 19.56
CA TRP A 36 15.26 24.76 20.15
C TRP A 36 15.13 25.87 19.11
N VAL A 37 14.51 26.98 19.52
CA VAL A 37 14.36 28.16 18.67
C VAL A 37 14.98 29.34 19.40
N ARG A 38 15.76 30.14 18.68
CA ARG A 38 16.54 31.23 19.25
C ARG A 38 15.95 32.57 18.82
N GLN A 39 15.74 33.46 19.81
CA GLN A 39 15.17 34.78 19.58
C GLN A 39 16.25 35.82 19.87
N SER A 40 16.78 36.44 18.81
CA SER A 40 17.80 37.44 18.97
C SER A 40 17.22 38.70 19.59
N PRO A 41 18.05 39.55 20.20
CA PRO A 41 17.54 40.81 20.76
C PRO A 41 16.84 41.69 19.75
N GLU A 42 17.18 41.56 18.46
CA GLU A 42 16.45 42.22 17.39
C GLU A 42 15.10 41.57 17.09
N LYS A 43 14.66 40.63 17.94
CA LYS A 43 13.35 39.98 17.85
C LYS A 43 13.24 39.04 16.64
N ARG A 44 14.36 38.61 16.09
CA ARG A 44 14.36 37.69 14.96
C ARG A 44 14.44 36.25 15.46
N LEU A 45 13.54 35.40 14.97
CA LEU A 45 13.57 33.98 15.31
C LEU A 45 14.55 33.24 14.42
N GLU A 46 15.39 32.41 15.05
CA GLU A 46 16.32 31.55 14.32
C GLU A 46 16.27 30.15 14.95
N TRP A 47 16.09 29.14 14.10
CA TRP A 47 16.06 27.76 14.57
C TRP A 47 17.48 27.27 14.84
N VAL A 48 17.63 26.51 15.93
CA VAL A 48 18.96 26.07 16.35
C VAL A 48 19.17 24.60 16.02
N ALA A 49 18.37 23.72 16.61
CA ALA A 49 18.55 22.29 16.44
C ALA A 49 17.25 21.57 16.75
N GLU A 50 17.17 20.33 16.26
CA GLU A 50 16.02 19.46 16.51
C GLU A 50 16.51 18.07 16.88
N ILE A 51 15.84 17.46 17.86
CA ILE A 51 16.13 16.10 18.27
C ILE A 51 14.84 15.29 18.14
N SER A 52 14.95 14.08 17.60
CA SER A 52 13.79 13.23 17.40
C SER A 52 13.30 12.69 18.74
N SER A 53 12.20 11.93 18.68
CA SER A 53 11.61 11.38 19.90
C SER A 53 12.58 10.48 20.63
N GLY A 54 13.25 9.58 19.90
CA GLY A 54 14.25 8.71 20.48
C GLY A 54 15.66 9.22 20.41
N GLY A 55 15.90 10.33 19.72
CA GLY A 55 17.23 10.89 19.60
C GLY A 55 18.10 10.25 18.54
N ARG A 56 17.55 9.33 17.75
CA ARG A 56 18.37 8.65 16.74
C ARG A 56 18.76 9.59 15.60
N TYR A 57 17.85 10.48 15.21
CA TYR A 57 18.13 11.50 14.20
C TYR A 57 18.25 12.85 14.87
N ILE A 58 19.33 13.57 14.55
CA ILE A 58 19.61 14.88 15.15
C ILE A 58 19.94 15.85 14.03
N TYR A 59 19.32 17.02 14.06
CA TYR A 59 19.49 18.05 13.03
C TYR A 59 19.99 19.33 13.68
N TYR A 60 20.78 20.09 12.92
CA TYR A 60 21.33 21.35 13.40
C TYR A 60 21.18 22.43 12.34
N SER A 61 21.18 23.68 12.79
CA SER A 61 21.25 24.80 11.87
C SER A 61 22.68 24.96 11.35
N ASP A 62 22.80 25.68 10.23
CA ASP A 62 24.11 25.86 9.62
C ASP A 62 25.07 26.63 10.53
N THR A 63 24.56 27.60 11.28
CA THR A 63 25.41 28.41 12.13
C THR A 63 25.94 27.64 13.35
N VAL A 64 25.22 26.60 13.78
CA VAL A 64 25.59 25.84 14.97
C VAL A 64 25.79 24.36 14.67
N THR A 65 26.00 24.02 13.39
CA THR A 65 26.13 22.61 13.02
C THR A 65 27.38 21.97 13.65
N GLY A 66 28.44 22.74 13.83
CA GLY A 66 29.66 22.25 14.43
C GLY A 66 30.01 22.79 15.79
N ARG A 67 29.11 23.52 16.44
CA ARG A 67 29.39 24.18 17.71
C ARG A 67 28.49 23.71 18.85
N PHE A 68 27.19 23.57 18.60
CA PHE A 68 26.23 23.18 19.62
C PHE A 68 25.96 21.69 19.55
N THR A 69 25.56 21.12 20.69
CA THR A 69 25.14 19.73 20.78
C THR A 69 23.82 19.66 21.54
N ILE A 70 22.83 19.00 20.95
CA ILE A 70 21.53 18.79 21.58
C ILE A 70 21.44 17.37 22.11
N SER A 71 20.85 17.22 23.28
CA SER A 71 20.65 15.91 23.89
C SER A 71 19.38 15.93 24.71
N ARG A 72 18.81 14.75 24.93
CA ARG A 72 17.60 14.60 25.71
C ARG A 72 17.73 13.43 26.68
N ASP A 73 16.97 13.50 27.76
CA ASP A 73 16.91 12.44 28.78
C ASP A 73 15.45 12.00 28.89
N ASN A 74 15.10 10.93 28.18
CA ASN A 74 13.72 10.46 28.18
C ASN A 74 13.29 10.01 29.57
N ALA A 75 14.18 9.34 30.31
CA ALA A 75 13.85 8.91 31.67
C ALA A 75 13.58 10.10 32.57
N ARG A 76 14.40 11.15 32.46
CA ARG A 76 14.23 12.35 33.27
C ARG A 76 13.26 13.34 32.66
N ASN A 77 12.80 13.11 31.43
CA ASN A 77 11.87 14.01 30.74
C ASN A 77 12.41 15.44 30.69
N ILE A 78 13.71 15.56 30.42
CA ILE A 78 14.39 16.85 30.39
C ILE A 78 15.22 16.94 29.11
N LEU A 79 15.29 18.14 28.55
CA LEU A 79 15.99 18.40 27.29
C LEU A 79 17.21 19.27 27.57
N HIS A 80 18.35 18.92 26.97
CA HIS A 80 19.60 19.64 27.14
C HIS A 80 20.07 20.21 25.81
N LEU A 81 20.67 21.41 25.88
CA LEU A 81 21.40 21.99 24.77
C LEU A 81 22.79 22.37 25.26
N GLU A 82 23.82 21.91 24.56
CA GLU A 82 25.20 22.10 24.98
C GLU A 82 25.90 23.04 24.00
N MET A 83 26.56 24.06 24.55
CA MET A 83 27.32 25.04 23.76
C MET A 83 28.80 24.92 24.11
N SER A 84 29.64 24.88 23.08
CA SER A 84 31.07 24.68 23.24
C SER A 84 31.91 25.92 22.95
N SER A 85 31.59 26.66 21.89
CA SER A 85 32.41 27.77 21.42
C SER A 85 31.55 28.99 21.16
N LEU A 86 30.73 29.35 22.14
CA LEU A 86 29.81 30.47 22.02
C LEU A 86 30.52 31.73 21.53
N ARG A 87 29.96 32.34 20.48
CA ARG A 87 30.53 33.54 19.87
C ARG A 87 29.80 34.78 20.37
N SER A 88 30.18 35.93 19.82
CA SER A 88 29.58 37.20 20.24
C SER A 88 28.15 37.33 19.73
N GLU A 89 27.80 36.66 18.64
CA GLU A 89 26.47 36.76 18.05
C GLU A 89 25.49 35.73 18.60
N ASP A 90 25.91 34.91 19.57
CA ASP A 90 25.05 33.88 20.13
C ASP A 90 24.19 34.39 21.28
N THR A 91 24.38 35.64 21.71
CA THR A 91 23.59 36.17 22.82
C THR A 91 22.14 36.36 22.39
N ALA A 92 21.24 35.60 23.00
CA ALA A 92 19.82 35.61 22.66
C ALA A 92 19.01 34.76 23.64
N MET A 93 17.70 34.71 23.43
CA MET A 93 16.79 33.92 24.27
C MET A 93 16.45 32.62 23.56
N TYR A 94 16.54 31.50 24.28
CA TYR A 94 16.31 30.18 23.72
C TYR A 94 15.00 29.61 24.25
N TYR A 95 14.17 29.09 23.35
CA TYR A 95 12.92 28.42 23.71
C TYR A 95 12.97 26.98 23.21
N CYS A 96 12.52 26.06 24.06
CA CYS A 96 12.38 24.66 23.68
C CYS A 96 10.93 24.41 23.27
N ALA A 97 10.75 23.84 22.08
CA ALA A 97 9.42 23.66 21.49
C ALA A 97 9.21 22.21 21.08
N ARG A 98 7.95 21.79 21.06
CA ARG A 98 7.58 20.45 20.65
C ARG A 98 7.28 20.42 19.16
N GLY A 99 8.08 19.67 18.40
CA GLY A 99 7.91 19.58 16.97
C GLY A 99 7.73 18.16 16.49
N GLU A 100 6.93 17.37 17.21
CA GLU A 100 6.73 15.97 16.84
C GLU A 100 6.11 15.83 15.45
N VAL A 101 5.11 16.66 15.15
CA VAL A 101 4.44 16.62 13.86
C VAL A 101 4.97 17.76 13.00
N ARG A 102 5.56 17.41 11.86
CA ARG A 102 6.12 18.44 10.98
C ARG A 102 5.03 19.21 10.24
N GLN A 103 3.87 18.58 10.03
CA GLN A 103 2.76 19.25 9.36
C GLN A 103 1.96 20.14 10.31
N ARG A 104 2.17 20.02 11.63
CA ARG A 104 1.42 20.79 12.60
C ARG A 104 2.24 21.91 13.23
N GLY A 105 3.57 21.80 13.21
CA GLY A 105 4.41 22.83 13.76
C GLY A 105 4.63 22.71 15.25
N PHE A 106 5.20 23.77 15.82
CA PHE A 106 5.54 23.82 17.24
C PHE A 106 4.28 24.12 18.04
N ASP A 107 3.71 23.08 18.64
CA ASP A 107 2.44 23.23 19.35
C ASP A 107 2.59 24.12 20.58
N TYR A 108 3.58 23.83 21.42
CA TYR A 108 3.79 24.58 22.65
C TYR A 108 5.21 25.14 22.71
N TRP A 109 5.36 26.26 23.39
CA TRP A 109 6.65 26.91 23.58
C TRP A 109 6.89 27.13 25.07
N GLY A 110 8.15 27.06 25.46
CA GLY A 110 8.52 27.27 26.85
C GLY A 110 8.67 28.75 27.19
N GLN A 111 8.89 29.00 28.48
CA GLN A 111 9.08 30.37 28.95
C GLN A 111 10.35 30.97 28.34
N GLY A 112 11.42 30.21 28.31
CA GLY A 112 12.67 30.67 27.71
C GLY A 112 13.57 31.35 28.72
N THR A 113 14.87 31.28 28.45
CA THR A 113 15.88 31.93 29.27
C THR A 113 16.83 32.73 28.38
N THR A 114 17.24 33.90 28.85
CA THR A 114 18.14 34.76 28.11
C THR A 114 19.58 34.32 28.31
N LEU A 115 20.37 34.37 27.23
CA LEU A 115 21.79 34.09 27.28
C LEU A 115 22.55 35.31 26.78
N THR A 116 23.58 35.71 27.51
CA THR A 116 24.45 36.81 27.12
C THR A 116 25.89 36.34 27.11
N VAL A 117 26.68 36.92 26.21
CA VAL A 117 28.07 36.52 26.03
C VAL A 117 28.97 37.75 26.23
N SER A 118 28.51 38.71 27.02
CA SER A 118 29.26 39.93 27.27
C SER A 118 30.60 39.65 27.95
N GLU B 1 19.97 27.52 2.57
CA GLU B 1 18.86 27.75 3.50
C GLU B 1 17.69 28.42 2.79
N ASN B 2 16.49 27.91 3.02
CA ASN B 2 15.27 28.45 2.42
C ASN B 2 14.90 29.71 3.17
N VAL B 3 15.27 30.87 2.62
CA VAL B 3 15.00 32.15 3.26
C VAL B 3 13.55 32.54 3.03
N LEU B 4 12.86 32.89 4.12
CA LEU B 4 11.48 33.36 4.07
C LEU B 4 11.45 34.83 4.43
N THR B 5 10.79 35.63 3.59
CA THR B 5 10.74 37.08 3.76
C THR B 5 9.28 37.54 3.84
N GLN B 6 8.99 38.40 4.81
CA GLN B 6 7.67 38.99 4.98
C GLN B 6 7.77 40.48 4.68
N SER B 7 6.95 40.96 3.73
CA SER B 7 7.11 42.33 3.26
C SER B 7 6.68 43.36 4.30
N PRO B 8 5.42 43.37 4.79
CA PRO B 8 5.03 44.48 5.68
C PRO B 8 5.54 44.33 7.11
N ALA B 9 6.79 44.77 7.31
CA ALA B 9 7.42 44.64 8.63
C ALA B 9 6.66 45.43 9.68
N ILE B 10 6.28 46.67 9.37
CA ILE B 10 5.56 47.54 10.30
C ILE B 10 4.24 47.92 9.65
N MET B 11 3.14 47.73 10.39
CA MET B 11 1.80 48.03 9.89
C MET B 11 1.03 48.77 10.97
N SER B 12 0.78 50.06 10.76
CA SER B 12 -0.15 50.78 11.61
C SER B 12 -1.58 50.33 11.28
N THR B 13 -2.39 50.14 12.32
CA THR B 13 -3.71 49.55 12.15
C THR B 13 -4.69 50.20 13.11
N SER B 14 -5.95 50.27 12.70
CA SER B 14 -7.05 50.75 13.52
C SER B 14 -8.06 49.62 13.73
N PRO B 15 -8.78 49.62 14.86
CA PRO B 15 -9.73 48.53 15.10
C PRO B 15 -10.82 48.49 14.05
N GLY B 16 -11.24 47.27 13.71
CA GLY B 16 -12.30 47.02 12.74
C GLY B 16 -11.84 46.80 11.31
N GLU B 17 -10.85 47.54 10.86
CA GLU B 17 -10.37 47.41 9.49
C GLU B 17 -9.69 46.06 9.27
N LYS B 18 -9.94 45.47 8.10
CA LYS B 18 -9.31 44.21 7.75
C LYS B 18 -7.83 44.41 7.44
N VAL B 19 -7.03 43.42 7.83
CA VAL B 19 -5.58 43.47 7.64
C VAL B 19 -5.10 42.13 7.09
N THR B 20 -4.27 42.17 6.06
CA THR B 20 -3.67 40.98 5.49
C THR B 20 -2.17 41.19 5.32
N MET B 21 -1.39 40.19 5.72
CA MET B 21 0.06 40.22 5.60
C MET B 21 0.53 38.93 4.94
N THR B 22 1.52 39.04 4.05
CA THR B 22 1.94 37.95 3.20
C THR B 22 3.38 37.53 3.52
N CYS B 23 3.65 36.24 3.34
CA CYS B 23 4.98 35.67 3.52
C CYS B 23 5.48 35.14 2.18
N ARG B 24 6.71 35.49 1.84
CA ARG B 24 7.33 35.06 0.59
C ARG B 24 8.49 34.13 0.89
N ALA B 25 8.56 33.02 0.16
CA ALA B 25 9.60 32.01 0.34
C ALA B 25 10.49 31.96 -0.88
N SER B 26 11.80 31.83 -0.65
CA SER B 26 12.77 31.73 -1.73
C SER B 26 12.81 30.37 -2.39
N SER B 27 12.14 29.37 -1.81
CA SER B 27 12.11 28.03 -2.36
C SER B 27 10.70 27.46 -2.21
N SER B 28 10.44 26.39 -2.96
CA SER B 28 9.12 25.76 -2.94
C SER B 28 8.84 25.16 -1.56
N VAL B 29 7.75 25.60 -0.95
CA VAL B 29 7.32 25.14 0.36
C VAL B 29 5.94 24.49 0.21
N GLY B 30 5.78 23.30 0.77
CA GLY B 30 4.51 22.62 0.70
C GLY B 30 3.44 23.32 1.51
N SER B 31 2.19 23.09 1.11
CA SER B 31 1.06 23.71 1.80
C SER B 31 0.97 23.25 3.25
N SER B 32 1.18 21.96 3.48
CA SER B 32 1.11 21.40 4.84
C SER B 32 2.33 21.70 5.68
N TYR B 33 3.38 22.27 5.08
CA TYR B 33 4.64 22.51 5.80
C TYR B 33 4.85 23.98 6.14
N LEU B 34 3.81 24.81 6.06
CA LEU B 34 3.89 26.21 6.43
C LEU B 34 2.98 26.48 7.62
N HIS B 35 3.50 27.15 8.64
CA HIS B 35 2.75 27.48 9.83
C HIS B 35 3.06 28.91 10.25
N TRP B 36 2.12 29.53 10.96
CA TRP B 36 2.29 30.86 11.50
C TRP B 36 2.27 30.80 13.03
N TYR B 37 3.03 31.70 13.65
CA TYR B 37 3.13 31.79 15.09
C TYR B 37 2.84 33.22 15.54
N GLN B 38 2.09 33.36 16.62
CA GLN B 38 1.80 34.66 17.21
C GLN B 38 2.63 34.83 18.47
N GLN B 39 3.27 35.99 18.60
CA GLN B 39 4.12 36.29 19.75
C GLN B 39 3.70 37.63 20.33
N LYS B 40 3.07 37.59 21.50
CA LYS B 40 2.74 38.81 22.22
C LYS B 40 3.99 39.44 22.81
N SER B 41 3.93 40.75 23.05
CA SER B 41 5.05 41.47 23.60
C SER B 41 5.41 40.92 24.98
N GLY B 42 6.70 40.62 25.17
CA GLY B 42 7.15 40.06 26.43
C GLY B 42 6.67 38.65 26.71
N ALA B 43 6.31 37.89 25.68
CA ALA B 43 5.80 36.54 25.86
C ALA B 43 6.37 35.64 24.77
N SER B 44 6.37 34.34 25.06
CA SER B 44 6.84 33.37 24.09
C SER B 44 5.87 33.24 22.93
N PRO B 45 6.35 32.90 21.73
CA PRO B 45 5.45 32.74 20.59
C PRO B 45 4.51 31.56 20.77
N LYS B 46 3.34 31.66 20.15
CA LYS B 46 2.32 30.63 20.20
C LYS B 46 1.82 30.31 18.81
N LEU B 47 1.54 29.03 18.57
CA LEU B 47 1.05 28.59 17.27
C LEU B 47 -0.30 29.21 16.96
N TRP B 48 -0.46 29.71 15.74
CA TRP B 48 -1.71 30.32 15.30
C TRP B 48 -2.40 29.54 14.20
N ILE B 49 -1.73 29.30 13.07
CA ILE B 49 -2.29 28.53 11.97
C ILE B 49 -1.25 27.54 11.47
N TYR B 50 -1.69 26.29 11.24
CA TYR B 50 -0.85 25.24 10.68
C TYR B 50 -1.54 24.65 9.47
N SER B 51 -0.72 24.14 8.54
CA SER B 51 -1.17 23.62 7.26
C SER B 51 -1.82 24.69 6.39
N THR B 52 -1.58 25.97 6.72
CA THR B 52 -1.96 27.12 5.91
C THR B 52 -3.46 27.36 5.95
N SER B 53 -4.21 26.41 6.52
CA SER B 53 -5.66 26.57 6.63
C SER B 53 -6.24 26.16 7.99
N ASN B 54 -5.57 25.29 8.76
CA ASN B 54 -6.12 24.79 10.01
C ASN B 54 -5.73 25.72 11.15
N LEU B 55 -6.74 26.20 11.88
CA LEU B 55 -6.51 27.11 13.00
C LEU B 55 -6.13 26.34 14.24
N ALA B 56 -5.25 26.92 15.05
CA ALA B 56 -4.86 26.33 16.32
C ALA B 56 -6.03 26.34 17.31
N SER B 57 -5.80 25.74 18.47
CA SER B 57 -6.86 25.60 19.47
C SER B 57 -7.29 26.95 20.02
N GLY B 58 -6.33 27.83 20.32
CA GLY B 58 -6.65 29.08 21.00
C GLY B 58 -7.08 30.22 20.11
N VAL B 59 -6.66 30.21 18.85
CA VAL B 59 -6.97 31.31 17.94
C VAL B 59 -8.45 31.28 17.59
N PRO B 60 -9.16 32.40 17.69
CA PRO B 60 -10.57 32.42 17.26
C PRO B 60 -10.69 32.34 15.75
N ALA B 61 -11.92 32.09 15.29
CA ALA B 61 -12.21 31.96 13.87
C ALA B 61 -12.00 33.27 13.11
N ARG B 62 -11.63 34.32 13.84
CA ARG B 62 -11.36 35.62 13.22
C ARG B 62 -10.25 35.52 12.18
N PHE B 63 -9.26 34.65 12.42
CA PHE B 63 -8.10 34.54 11.54
C PHE B 63 -8.30 33.44 10.50
N SER B 64 -7.65 33.62 9.35
CA SER B 64 -7.68 32.63 8.28
C SER B 64 -6.40 32.75 7.47
N GLY B 65 -6.07 31.69 6.74
CA GLY B 65 -4.85 31.65 5.97
C GLY B 65 -5.08 31.11 4.57
N SER B 66 -4.14 31.42 3.69
CA SER B 66 -4.21 31.00 2.29
C SER B 66 -2.82 31.05 1.70
N GLY B 67 -2.67 30.42 0.52
CA GLY B 67 -1.41 30.43 -0.20
C GLY B 67 -0.92 29.05 -0.57
N SER B 68 0.00 28.98 -1.53
CA SER B 68 0.54 27.71 -1.99
C SER B 68 1.77 27.96 -2.84
N GLY B 69 2.72 27.04 -2.77
CA GLY B 69 3.89 27.04 -3.62
C GLY B 69 5.03 27.92 -3.15
N THR B 70 4.91 29.23 -3.38
CA THR B 70 5.96 30.16 -2.99
C THR B 70 5.45 31.46 -2.38
N SER B 71 4.14 31.66 -2.31
CA SER B 71 3.56 32.86 -1.71
C SER B 71 2.46 32.45 -0.76
N TYR B 72 2.51 32.96 0.46
CA TYR B 72 1.55 32.61 1.50
C TYR B 72 1.10 33.88 2.22
N SER B 73 -0.13 33.86 2.71
CA SER B 73 -0.68 35.03 3.39
C SER B 73 -1.79 34.60 4.33
N LEU B 74 -1.94 35.35 5.43
CA LEU B 74 -3.04 35.17 6.37
C LEU B 74 -3.66 36.54 6.64
N THR B 75 -4.99 36.55 6.79
CA THR B 75 -5.73 37.79 6.90
C THR B 75 -6.60 37.78 8.15
N ILE B 76 -7.00 38.97 8.58
CA ILE B 76 -7.87 39.16 9.73
C ILE B 76 -9.16 39.82 9.23
N SER B 77 -10.30 39.20 9.54
CA SER B 77 -11.58 39.74 9.10
C SER B 77 -11.85 41.10 9.73
N SER B 78 -11.61 41.23 11.03
CA SER B 78 -11.80 42.51 11.72
C SER B 78 -10.88 42.50 12.94
N VAL B 79 -9.76 43.23 12.85
CA VAL B 79 -8.77 43.21 13.92
C VAL B 79 -9.38 43.78 15.20
N GLU B 80 -9.00 43.20 16.33
CA GLU B 80 -9.40 43.63 17.66
C GLU B 80 -8.19 44.21 18.40
N ALA B 81 -8.45 44.68 19.63
CA ALA B 81 -7.37 45.22 20.44
C ALA B 81 -6.37 44.14 20.83
N GLU B 82 -6.83 42.90 21.00
CA GLU B 82 -5.95 41.80 21.39
C GLU B 82 -5.16 41.22 20.23
N ASP B 83 -5.42 41.68 19.00
CA ASP B 83 -4.71 41.15 17.83
C ASP B 83 -3.34 41.79 17.63
N ALA B 84 -2.98 42.79 18.43
CA ALA B 84 -1.69 43.47 18.28
C ALA B 84 -0.59 42.56 18.78
N ALA B 85 0.12 41.92 17.84
CA ALA B 85 1.21 41.01 18.16
C ALA B 85 2.03 40.79 16.91
N THR B 86 3.14 40.08 17.06
CA THR B 86 4.05 39.78 15.97
C THR B 86 3.79 38.38 15.44
N TYR B 87 3.67 38.26 14.11
CA TYR B 87 3.38 37.00 13.46
C TYR B 87 4.54 36.62 12.55
N TYR B 88 4.99 35.37 12.66
CA TYR B 88 6.10 34.85 11.87
C TYR B 88 5.64 33.65 11.06
N CYS B 89 5.96 33.63 9.77
CA CYS B 89 5.75 32.44 8.97
C CYS B 89 6.95 31.51 9.09
N GLN B 90 6.69 30.21 9.09
CA GLN B 90 7.74 29.22 9.22
C GLN B 90 7.51 28.09 8.22
N GLN B 91 8.59 27.65 7.58
CA GLN B 91 8.55 26.50 6.68
C GLN B 91 9.12 25.28 7.39
N PHE B 92 8.44 24.15 7.23
CA PHE B 92 8.86 22.90 7.88
C PHE B 92 9.18 21.81 6.85
N SER B 93 9.29 22.17 5.57
CA SER B 93 9.48 21.18 4.52
C SER B 93 10.89 20.63 4.48
N GLY B 94 11.89 21.45 4.79
CA GLY B 94 13.27 21.02 4.72
C GLY B 94 14.15 21.78 5.68
N TYR B 95 15.19 21.10 6.16
CA TYR B 95 16.12 21.69 7.10
C TYR B 95 17.20 22.49 6.35
N PRO B 96 17.76 23.53 6.98
CA PRO B 96 17.43 24.07 8.32
C PRO B 96 16.08 24.77 8.35
N LEU B 97 15.37 24.69 9.48
CA LEU B 97 14.11 25.39 9.62
C LEU B 97 14.34 26.89 9.67
N THR B 98 13.46 27.65 9.01
CA THR B 98 13.59 29.10 8.92
C THR B 98 12.27 29.76 9.26
N PHE B 99 12.37 30.93 9.88
CA PHE B 99 11.22 31.76 10.21
C PHE B 99 11.25 33.05 9.39
N GLY B 100 10.06 33.62 9.20
CA GLY B 100 9.95 34.86 8.46
C GLY B 100 10.48 36.05 9.24
N SER B 101 10.54 37.18 8.55
CA SER B 101 11.00 38.42 9.19
C SER B 101 10.07 38.86 10.30
N GLY B 102 8.76 38.65 10.13
CA GLY B 102 7.80 38.97 11.15
C GLY B 102 7.17 40.35 11.02
N THR B 103 5.87 40.43 11.19
CA THR B 103 5.14 41.70 11.15
C THR B 103 4.57 41.96 12.54
N LYS B 104 4.93 43.11 13.11
CA LYS B 104 4.46 43.51 14.44
C LYS B 104 3.32 44.49 14.28
N LEU B 105 2.10 44.04 14.57
CA LEU B 105 0.93 44.90 14.37
C LEU B 105 0.92 46.10 15.29
N GLU B 106 0.94 47.28 14.70
CA GLU B 106 0.90 48.51 15.50
C GLU B 106 -0.52 49.03 15.56
N MET B 107 -1.10 49.07 16.76
CA MET B 107 -2.46 49.56 16.91
C MET B 107 -2.55 51.04 16.58
N LYS C 47 -2.59 16.75 -9.08
CA LYS C 47 -3.52 15.85 -8.40
C LYS C 47 -4.14 14.86 -9.39
N ILE C 48 -4.64 15.39 -10.50
CA ILE C 48 -5.26 14.54 -11.52
C ILE C 48 -4.24 13.57 -12.11
N ASP C 49 -3.02 14.05 -12.35
CA ASP C 49 -1.97 13.20 -12.90
C ASP C 49 -1.58 12.09 -11.93
N PHE C 50 -1.52 12.42 -10.63
CA PHE C 50 -1.19 11.39 -9.65
C PHE C 50 -2.28 10.32 -9.59
N VAL C 51 -3.54 10.72 -9.64
CA VAL C 51 -4.63 9.76 -9.66
C VAL C 51 -4.57 8.91 -10.93
N LEU C 52 -4.19 9.52 -12.05
CA LEU C 52 -4.01 8.75 -13.28
C LEU C 52 -2.91 7.70 -13.14
N SER C 53 -1.75 8.11 -12.59
CA SER C 53 -0.67 7.16 -12.39
C SER C 53 -1.09 6.05 -11.43
N VAL C 54 -1.93 6.38 -10.46
CA VAL C 54 -2.54 5.37 -9.60
C VAL C 54 -3.45 4.44 -10.40
N ALA C 55 -4.16 5.01 -11.38
CA ALA C 55 -5.17 4.27 -12.13
C ALA C 55 -4.59 3.08 -12.88
N GLY C 56 -3.28 3.08 -13.15
CA GLY C 56 -2.66 1.90 -13.69
C GLY C 56 -2.69 0.72 -12.73
N GLY C 57 -2.53 1.00 -11.43
CA GLY C 57 -2.29 -0.06 -10.47
C GLY C 57 -3.36 -0.39 -9.44
N PHE C 58 -4.46 0.38 -9.37
CA PHE C 58 -5.48 0.10 -8.37
C PHE C 58 -6.64 -0.71 -8.91
N VAL C 59 -6.51 -1.27 -10.11
CA VAL C 59 -7.46 -2.22 -10.65
C VAL C 59 -6.68 -3.31 -11.38
N GLY C 60 -7.13 -4.56 -11.25
CA GLY C 60 -6.44 -5.67 -11.85
C GLY C 60 -7.34 -6.89 -11.92
N LEU C 61 -6.75 -7.99 -12.39
CA LEU C 61 -7.51 -9.24 -12.45
C LEU C 61 -7.89 -9.74 -11.07
N GLY C 62 -7.12 -9.38 -10.05
CA GLY C 62 -7.46 -9.79 -8.69
C GLY C 62 -8.83 -9.27 -8.25
N ASN C 63 -9.23 -8.11 -8.76
CA ASN C 63 -10.54 -7.56 -8.43
C ASN C 63 -11.63 -8.10 -9.35
N VAL C 64 -11.37 -8.08 -10.66
CA VAL C 64 -12.41 -8.42 -11.63
C VAL C 64 -12.72 -9.92 -11.59
N TRP C 65 -11.69 -10.76 -11.46
CA TRP C 65 -11.82 -12.21 -11.61
C TRP C 65 -11.77 -12.96 -10.28
N ARG C 66 -10.73 -12.75 -9.48
CA ARG C 66 -10.51 -13.60 -8.31
C ARG C 66 -11.56 -13.34 -7.23
N PHE C 67 -11.81 -12.07 -6.91
CA PHE C 67 -12.76 -11.74 -5.85
C PHE C 67 -14.16 -12.31 -6.09
N PRO C 68 -14.76 -12.15 -7.28
CA PRO C 68 -16.11 -12.72 -7.46
C PRO C 68 -16.16 -14.23 -7.28
N TYR C 69 -15.15 -14.98 -7.74
CA TYR C 69 -15.25 -16.43 -7.63
C TYR C 69 -15.01 -16.90 -6.20
N LEU C 70 -14.13 -16.22 -5.46
CA LEU C 70 -13.97 -16.53 -4.05
C LEU C 70 -15.25 -16.22 -3.28
N CYS C 71 -15.89 -15.08 -3.59
CA CYS C 71 -17.14 -14.74 -2.92
C CYS C 71 -18.23 -15.76 -3.23
N TYR C 72 -18.34 -16.17 -4.49
CA TYR C 72 -19.33 -17.17 -4.88
C TYR C 72 -19.06 -18.52 -4.24
N LYS C 73 -17.78 -18.91 -4.15
CA LYS C 73 -17.43 -20.20 -3.58
C LYS C 73 -17.75 -20.27 -2.10
N ASN C 74 -17.73 -19.14 -1.40
CA ASN C 74 -17.93 -19.10 0.05
C ASN C 74 -19.33 -18.65 0.44
N GLY C 75 -20.32 -18.83 -0.44
CA GLY C 75 -21.69 -18.52 -0.12
C GLY C 75 -22.12 -17.09 -0.33
N GLY C 76 -21.22 -16.22 -0.78
CA GLY C 76 -21.60 -14.85 -1.08
C GLY C 76 -21.48 -13.89 0.08
N GLY C 77 -22.61 -13.60 0.73
CA GLY C 77 -22.63 -12.58 1.78
C GLY C 77 -21.71 -12.92 2.94
N ALA C 78 -21.64 -14.19 3.32
CA ALA C 78 -20.80 -14.60 4.43
C ALA C 78 -19.32 -14.33 4.16
N PHE C 79 -18.92 -14.26 2.90
CA PHE C 79 -17.52 -13.97 2.56
C PHE C 79 -17.16 -12.52 2.86
N LEU C 80 -18.14 -11.62 2.94
CA LEU C 80 -17.84 -10.19 3.06
C LEU C 80 -17.39 -9.81 4.47
N ILE C 81 -17.96 -10.44 5.50
CA ILE C 81 -17.64 -10.04 6.87
C ILE C 81 -16.17 -10.27 7.20
N PRO C 82 -15.59 -11.47 7.03
CA PRO C 82 -14.14 -11.59 7.22
C PRO C 82 -13.35 -10.75 6.24
N TYR C 83 -13.89 -10.51 5.05
CA TYR C 83 -13.22 -9.68 4.06
C TYR C 83 -12.98 -8.28 4.60
N PHE C 84 -14.04 -7.63 5.10
CA PHE C 84 -13.90 -6.29 5.65
C PHE C 84 -13.10 -6.29 6.95
N ILE C 85 -13.29 -7.33 7.78
CA ILE C 85 -12.55 -7.41 9.04
C ILE C 85 -11.05 -7.43 8.77
N PHE C 86 -10.61 -8.32 7.87
CA PHE C 86 -9.19 -8.36 7.51
C PHE C 86 -8.77 -7.09 6.79
N LEU C 87 -9.63 -6.51 5.95
CA LEU C 87 -9.29 -5.27 5.28
C LEU C 87 -8.84 -4.24 6.29
N PHE C 88 -9.75 -3.83 7.19
CA PHE C 88 -9.42 -2.78 8.13
C PHE C 88 -8.49 -3.24 9.26
N GLY C 89 -8.34 -4.54 9.48
CA GLY C 89 -7.41 -4.99 10.51
C GLY C 89 -5.97 -4.99 10.04
N SER C 90 -5.71 -5.55 8.87
CA SER C 90 -4.34 -5.75 8.41
C SER C 90 -4.05 -5.16 7.05
N GLY C 91 -5.01 -5.19 6.12
CA GLY C 91 -4.69 -4.93 4.72
C GLY C 91 -4.08 -3.57 4.48
N LEU C 92 -4.78 -2.51 4.91
CA LEU C 92 -4.20 -1.17 4.84
C LEU C 92 -2.96 -1.02 5.70
N PRO C 93 -2.94 -1.44 6.98
CA PRO C 93 -1.70 -1.30 7.76
C PRO C 93 -0.52 -2.05 7.17
N VAL C 94 -0.71 -3.27 6.67
CA VAL C 94 0.43 -4.03 6.12
C VAL C 94 0.91 -3.41 4.82
N PHE C 95 -0.03 -2.95 3.99
CA PHE C 95 0.33 -2.25 2.75
C PHE C 95 1.17 -1.01 3.05
N PHE C 96 0.70 -0.19 4.00
CA PHE C 96 1.44 0.99 4.41
C PHE C 96 2.81 0.61 4.97
N LEU C 97 2.87 -0.47 5.74
CA LEU C 97 4.13 -0.90 6.34
C LEU C 97 5.14 -1.29 5.28
N GLU C 98 4.72 -2.05 4.27
CA GLU C 98 5.64 -2.44 3.21
C GLU C 98 6.10 -1.25 2.38
N ILE C 99 5.19 -0.31 2.08
CA ILE C 99 5.62 0.88 1.36
C ILE C 99 6.61 1.68 2.19
N ILE C 100 6.40 1.74 3.51
CA ILE C 100 7.33 2.45 4.38
C ILE C 100 8.69 1.77 4.36
N ILE C 101 8.73 0.43 4.41
CA ILE C 101 9.99 -0.29 4.32
C ILE C 101 10.70 0.05 3.02
N GLY C 102 9.98 -0.02 1.91
CA GLY C 102 10.59 0.24 0.62
C GLY C 102 11.16 1.64 0.51
N GLN C 103 10.43 2.63 1.02
CA GLN C 103 10.94 3.99 0.99
C GLN C 103 12.13 4.16 1.93
N TYR C 104 12.09 3.52 3.11
CA TYR C 104 13.14 3.69 4.09
C TYR C 104 14.46 3.11 3.60
N THR C 105 14.42 1.92 3.00
CA THR C 105 15.65 1.31 2.51
C THR C 105 16.04 1.80 1.13
N SER C 106 15.06 2.09 0.26
CA SER C 106 15.31 2.52 -1.11
C SER C 106 16.12 1.46 -1.88
N GLU C 107 15.68 0.21 -1.74
CA GLU C 107 16.32 -0.91 -2.42
C GLU C 107 15.26 -2.00 -2.63
N GLY C 108 15.71 -3.20 -2.96
CA GLY C 108 14.79 -4.30 -3.18
C GLY C 108 14.17 -4.81 -1.90
N GLY C 109 13.22 -5.73 -2.08
CA GLY C 109 12.51 -6.32 -0.95
C GLY C 109 13.32 -7.30 -0.13
N ILE C 110 14.50 -7.69 -0.61
CA ILE C 110 15.37 -8.60 0.12
C ILE C 110 16.46 -7.85 0.88
N THR C 111 16.95 -6.75 0.31
CA THR C 111 18.02 -5.99 0.95
C THR C 111 17.51 -5.20 2.15
N CYS C 112 16.21 -4.82 2.15
CA CYS C 112 15.68 -3.99 3.21
C CYS C 112 15.76 -4.69 4.57
N TRP C 113 15.49 -5.99 4.60
CA TRP C 113 15.52 -6.72 5.86
C TRP C 113 16.91 -6.73 6.48
N GLU C 114 17.96 -6.59 5.67
CA GLU C 114 19.30 -6.43 6.23
C GLU C 114 19.39 -5.15 7.07
N LYS C 115 18.77 -4.07 6.59
CA LYS C 115 18.74 -2.82 7.34
C LYS C 115 17.69 -2.83 8.45
N ILE C 116 16.75 -3.77 8.44
CA ILE C 116 15.75 -3.86 9.49
C ILE C 116 16.14 -4.94 10.51
N CYS C 117 16.23 -6.19 10.05
CA CYS C 117 16.54 -7.32 10.93
C CYS C 117 17.24 -8.39 10.12
N PRO C 118 18.57 -8.48 10.25
CA PRO C 118 19.30 -9.48 9.45
C PRO C 118 18.85 -10.92 9.68
N LEU C 119 18.39 -11.26 10.88
CA LEU C 119 17.96 -12.62 11.15
C LEU C 119 16.77 -13.01 10.28
N PHE C 120 15.81 -12.10 10.09
CA PHE C 120 14.61 -12.38 9.33
C PHE C 120 14.71 -11.94 7.88
N SER C 121 15.91 -11.99 7.29
CA SER C 121 16.06 -11.65 5.88
C SER C 121 15.36 -12.65 4.98
N GLY C 122 14.95 -13.81 5.50
CA GLY C 122 14.24 -14.80 4.72
C GLY C 122 12.85 -14.36 4.26
N ILE C 123 12.32 -13.27 4.83
CA ILE C 123 11.03 -12.75 4.38
C ILE C 123 11.12 -12.31 2.92
N GLY C 124 12.21 -11.62 2.57
CA GLY C 124 12.39 -11.20 1.19
C GLY C 124 12.53 -12.37 0.23
N TYR C 125 13.24 -13.42 0.66
CA TYR C 125 13.35 -14.61 -0.17
C TYR C 125 12.00 -15.29 -0.35
N ALA C 126 11.22 -15.38 0.73
CA ALA C 126 9.87 -15.95 0.62
C ALA C 126 9.03 -15.13 -0.34
N SER C 127 9.14 -13.80 -0.27
CA SER C 127 8.39 -12.94 -1.17
C SER C 127 8.81 -13.14 -2.62
N VAL C 128 10.11 -13.30 -2.87
CA VAL C 128 10.57 -13.46 -4.25
C VAL C 128 10.13 -14.81 -4.81
N VAL C 129 10.13 -15.86 -3.99
CA VAL C 129 9.60 -17.14 -4.48
C VAL C 129 8.09 -17.08 -4.67
N ILE C 130 7.38 -16.30 -3.84
CA ILE C 130 5.95 -16.11 -4.04
C ILE C 130 5.70 -15.44 -5.39
N VAL C 131 6.49 -14.41 -5.71
CA VAL C 131 6.36 -13.76 -7.01
C VAL C 131 6.68 -14.72 -8.15
N SER C 132 7.72 -15.54 -7.97
CA SER C 132 8.10 -16.49 -9.01
C SER C 132 6.98 -17.50 -9.27
N LEU C 133 6.34 -17.99 -8.20
CA LEU C 133 5.24 -18.93 -8.37
C LEU C 133 4.01 -18.25 -8.95
N LEU C 134 3.75 -17.00 -8.54
CA LEU C 134 2.59 -16.27 -9.06
C LEU C 134 2.73 -16.00 -10.55
N ASN C 135 3.94 -15.65 -11.00
CA ASN C 135 4.14 -15.33 -12.41
C ASN C 135 3.95 -16.53 -13.32
N VAL C 136 3.96 -17.74 -12.75
CA VAL C 136 3.82 -18.94 -13.58
C VAL C 136 2.34 -19.22 -13.87
N TYR C 137 1.48 -19.08 -12.86
CA TYR C 137 0.06 -19.41 -13.03
C TYR C 137 -0.82 -18.20 -13.32
N TYR C 138 -0.33 -16.98 -13.09
CA TYR C 138 -1.16 -15.80 -13.34
C TYR C 138 -1.36 -15.58 -14.84
N ILE C 139 -0.38 -15.97 -15.66
CA ILE C 139 -0.44 -15.74 -17.10
C ILE C 139 -1.39 -16.71 -17.80
N VAL C 140 -1.76 -17.82 -17.14
CA VAL C 140 -2.72 -18.74 -17.73
C VAL C 140 -4.08 -18.06 -17.90
N ILE C 141 -4.40 -17.11 -17.02
CA ILE C 141 -5.62 -16.33 -17.17
C ILE C 141 -5.57 -15.54 -18.48
N LEU C 142 -4.42 -14.92 -18.76
CA LEU C 142 -4.25 -14.20 -20.01
C LEU C 142 -4.31 -15.13 -21.22
N ALA C 143 -3.81 -16.36 -21.06
CA ALA C 143 -3.92 -17.34 -22.14
C ALA C 143 -5.38 -17.66 -22.44
N TRP C 144 -6.19 -17.87 -21.40
CA TRP C 144 -7.61 -18.10 -21.60
C TRP C 144 -8.29 -16.88 -22.23
N ALA C 145 -7.91 -15.68 -21.78
CA ALA C 145 -8.49 -14.47 -22.35
C ALA C 145 -8.13 -14.32 -23.83
N THR C 146 -6.89 -14.67 -24.19
CA THR C 146 -6.47 -14.62 -25.58
C THR C 146 -7.24 -15.62 -26.43
N TYR C 147 -7.43 -16.83 -25.91
CA TYR C 147 -8.24 -17.82 -26.63
C TYR C 147 -9.66 -17.33 -26.83
N TYR C 148 -10.26 -16.76 -25.78
CA TYR C 148 -11.61 -16.22 -25.91
C TYR C 148 -11.67 -15.08 -26.91
N LEU C 149 -10.66 -14.20 -26.92
CA LEU C 149 -10.65 -13.10 -27.87
C LEU C 149 -10.56 -13.60 -29.29
N PHE C 150 -9.70 -14.59 -29.55
CA PHE C 150 -9.63 -15.17 -30.89
C PHE C 150 -10.94 -15.85 -31.28
N GLN C 151 -11.58 -16.53 -30.33
CA GLN C 151 -12.88 -17.13 -30.61
C GLN C 151 -13.97 -16.10 -30.83
N SER C 152 -13.79 -14.88 -30.31
CA SER C 152 -14.79 -13.84 -30.46
C SER C 152 -14.83 -13.25 -31.86
N PHE C 153 -13.75 -13.42 -32.64
CA PHE C 153 -13.70 -12.93 -34.01
C PHE C 153 -14.51 -13.86 -34.92
N GLN C 154 -15.82 -13.83 -34.72
CA GLN C 154 -16.74 -14.70 -35.44
C GLN C 154 -18.06 -13.99 -35.64
N LYS C 155 -18.84 -14.48 -36.59
CA LYS C 155 -20.17 -13.90 -36.84
C LYS C 155 -21.07 -14.07 -35.62
N GLU C 156 -21.04 -15.23 -34.99
CA GLU C 156 -21.81 -15.52 -33.79
C GLU C 156 -20.88 -16.10 -32.73
N LEU C 157 -21.09 -15.67 -31.48
CA LEU C 157 -20.27 -16.17 -30.39
C LEU C 157 -20.52 -17.66 -30.20
N PRO C 158 -19.46 -18.48 -30.10
CA PRO C 158 -19.67 -19.93 -29.98
C PRO C 158 -20.42 -20.34 -28.73
N TRP C 159 -20.31 -19.58 -27.65
CA TRP C 159 -20.96 -19.94 -26.40
C TRP C 159 -22.42 -19.50 -26.34
N ALA C 160 -22.91 -18.78 -27.35
CA ALA C 160 -24.31 -18.34 -27.34
C ALA C 160 -25.26 -19.52 -27.43
N HIS C 161 -24.95 -20.50 -28.27
CA HIS C 161 -25.82 -21.66 -28.48
C HIS C 161 -24.97 -22.92 -28.57
N CYS C 162 -25.60 -24.07 -28.34
CA CYS C 162 -24.92 -25.36 -28.34
C CYS C 162 -25.42 -26.16 -29.54
N ASN C 163 -24.73 -26.02 -30.68
CA ASN C 163 -25.03 -26.80 -31.87
C ASN C 163 -23.76 -27.23 -32.59
N HIS C 164 -22.69 -27.46 -31.84
CA HIS C 164 -21.37 -27.74 -32.40
C HIS C 164 -20.95 -29.18 -32.09
N SER C 165 -19.76 -29.54 -32.57
CA SER C 165 -19.27 -30.91 -32.43
C SER C 165 -18.79 -31.23 -31.02
N TRP C 166 -18.34 -30.22 -30.27
CA TRP C 166 -17.81 -30.43 -28.93
C TRP C 166 -18.90 -30.43 -27.87
N ASN C 167 -20.17 -30.37 -28.28
CA ASN C 167 -21.26 -30.11 -27.37
C ASN C 167 -21.96 -31.41 -26.96
N THR C 168 -22.29 -31.52 -25.68
CA THR C 168 -22.97 -32.70 -25.17
C THR C 168 -24.41 -32.73 -25.66
N PRO C 169 -25.03 -33.91 -25.73
CA PRO C 169 -26.44 -33.97 -26.14
C PRO C 169 -27.42 -33.63 -25.04
N HIS C 170 -26.94 -33.36 -23.82
CA HIS C 170 -27.81 -32.94 -22.73
C HIS C 170 -28.00 -31.42 -22.68
N CYS C 171 -27.43 -30.68 -23.63
CA CYS C 171 -27.56 -29.23 -23.61
C CYS C 171 -28.99 -28.80 -23.92
N MET C 172 -29.39 -27.68 -23.31
CA MET C 172 -30.66 -27.04 -23.60
C MET C 172 -30.49 -25.53 -23.45
N GLU C 173 -31.14 -24.78 -24.33
CA GLU C 173 -31.07 -23.32 -24.26
C GLU C 173 -31.63 -22.82 -22.93
N ASP C 174 -31.01 -21.76 -22.40
CA ASP C 174 -31.43 -21.21 -21.12
C ASP C 174 -32.87 -20.70 -21.18
N THR C 175 -33.23 -20.03 -22.27
CA THR C 175 -34.61 -19.54 -22.42
C THR C 175 -35.60 -20.68 -22.40
N MET C 176 -35.26 -21.80 -23.04
CA MET C 176 -36.14 -22.96 -23.12
C MET C 176 -35.89 -23.99 -22.03
N ARG C 177 -34.92 -23.75 -21.14
CA ARG C 177 -34.59 -24.73 -20.10
C ARG C 177 -35.75 -24.95 -19.14
N LYS C 178 -36.50 -23.88 -18.81
CA LYS C 178 -37.59 -24.01 -17.85
C LYS C 178 -38.81 -24.66 -18.51
N ASN C 179 -38.67 -25.94 -18.88
CA ASN C 179 -39.72 -26.67 -19.55
C ASN C 179 -39.38 -28.15 -19.58
N THR C 189 -34.44 -31.97 -15.78
CA THR C 189 -33.42 -32.99 -16.00
C THR C 189 -32.02 -32.43 -15.76
N ASN C 190 -31.01 -33.24 -16.07
CA ASN C 190 -29.61 -32.85 -15.88
C ASN C 190 -29.11 -32.10 -17.12
N PHE C 191 -29.83 -31.04 -17.47
CA PHE C 191 -29.48 -30.25 -18.64
C PHE C 191 -28.29 -29.35 -18.32
N THR C 192 -27.56 -28.95 -19.37
CA THR C 192 -26.36 -28.14 -19.22
C THR C 192 -26.46 -26.88 -20.06
N SER C 193 -26.05 -25.76 -19.47
CA SER C 193 -26.04 -24.49 -20.19
C SER C 193 -24.94 -24.49 -21.25
N PRO C 194 -25.19 -23.89 -22.42
CA PRO C 194 -24.15 -23.87 -23.46
C PRO C 194 -22.87 -23.15 -23.05
N VAL C 195 -22.97 -22.08 -22.27
CA VAL C 195 -21.79 -21.31 -21.90
C VAL C 195 -20.87 -22.11 -20.99
N ILE C 196 -21.45 -22.77 -19.98
CA ILE C 196 -20.66 -23.51 -19.00
C ILE C 196 -19.92 -24.64 -19.68
N GLU C 197 -20.63 -25.45 -20.48
CA GLU C 197 -19.98 -26.57 -21.13
C GLU C 197 -19.06 -26.12 -22.26
N PHE C 198 -19.32 -24.96 -22.87
CA PHE C 198 -18.33 -24.38 -23.78
C PHE C 198 -17.02 -24.12 -23.05
N TRP C 199 -17.10 -23.42 -21.93
CA TRP C 199 -15.91 -23.18 -21.11
C TRP C 199 -15.22 -24.48 -20.72
N GLU C 200 -16.00 -25.50 -20.35
CA GLU C 200 -15.42 -26.73 -19.83
C GLU C 200 -14.79 -27.57 -20.94
N ARG C 201 -15.40 -27.61 -22.12
CA ARG C 201 -15.02 -28.56 -23.16
C ARG C 201 -14.19 -27.96 -24.28
N ASN C 202 -14.55 -26.77 -24.78
CA ASN C 202 -13.83 -26.18 -25.90
C ASN C 202 -12.59 -25.43 -25.42
N VAL C 203 -12.78 -24.46 -24.53
CA VAL C 203 -11.64 -23.70 -24.02
C VAL C 203 -10.77 -24.55 -23.11
N LEU C 204 -11.40 -25.31 -22.21
CA LEU C 204 -10.67 -26.06 -21.18
C LEU C 204 -10.43 -27.52 -21.56
N SER C 205 -11.43 -28.19 -22.13
CA SER C 205 -11.38 -29.63 -22.35
C SER C 205 -11.07 -30.36 -21.04
N LEU C 206 -11.95 -30.13 -20.06
CA LEU C 206 -11.70 -30.57 -18.69
C LEU C 206 -11.55 -32.08 -18.61
N SER C 207 -10.50 -32.52 -17.94
CA SER C 207 -10.26 -33.93 -17.68
C SER C 207 -11.09 -34.38 -16.47
N PRO C 208 -11.41 -35.68 -16.39
CA PRO C 208 -12.15 -36.16 -15.20
C PRO C 208 -11.42 -35.96 -13.89
N GLY C 209 -10.09 -35.80 -13.91
CA GLY C 209 -9.36 -35.57 -12.67
C GLY C 209 -7.93 -35.16 -12.97
N ILE C 210 -7.25 -34.74 -11.91
CA ILE C 210 -5.84 -34.36 -12.04
C ILE C 210 -4.97 -35.57 -12.33
N ASP C 211 -5.45 -36.77 -12.04
CA ASP C 211 -4.70 -37.99 -12.32
C ASP C 211 -4.68 -38.32 -13.81
N HIS C 212 -5.40 -37.56 -14.65
CA HIS C 212 -5.44 -37.77 -16.09
C HIS C 212 -5.05 -36.46 -16.78
N PRO C 213 -3.75 -36.19 -16.95
CA PRO C 213 -3.35 -34.96 -17.66
C PRO C 213 -3.97 -34.81 -19.03
N GLY C 214 -4.11 -35.89 -19.78
CA GLY C 214 -4.63 -35.79 -21.12
C GLY C 214 -3.60 -35.19 -22.07
N SER C 215 -4.10 -34.77 -23.23
CA SER C 215 -3.25 -34.20 -24.27
C SER C 215 -3.01 -32.72 -24.00
N LEU C 216 -1.89 -32.21 -24.53
CA LEU C 216 -1.55 -30.80 -24.42
C LEU C 216 -2.30 -30.02 -25.49
N LYS C 217 -3.14 -29.07 -25.05
CA LYS C 217 -3.92 -28.25 -25.98
C LYS C 217 -2.98 -27.34 -26.75
N TRP C 218 -2.86 -27.56 -28.06
CA TRP C 218 -1.95 -26.77 -28.88
C TRP C 218 -2.39 -25.32 -28.99
N ASP C 219 -3.70 -25.07 -29.09
CA ASP C 219 -4.19 -23.70 -29.22
C ASP C 219 -3.90 -22.88 -27.98
N LEU C 220 -4.18 -23.44 -26.80
CA LEU C 220 -3.90 -22.71 -25.56
C LEU C 220 -2.39 -22.58 -25.33
N ALA C 221 -1.61 -23.57 -25.76
CA ALA C 221 -0.16 -23.45 -25.69
C ALA C 221 0.33 -22.29 -26.55
N LEU C 222 -0.22 -22.15 -27.76
CA LEU C 222 0.16 -21.02 -28.60
C LEU C 222 -0.30 -19.70 -28.00
N CYS C 223 -1.45 -19.69 -27.32
CA CYS C 223 -1.90 -18.49 -26.63
C CYS C 223 -0.91 -18.08 -25.54
N LEU C 224 -0.48 -19.04 -24.74
CA LEU C 224 0.52 -18.76 -23.70
C LEU C 224 1.83 -18.30 -24.32
N LEU C 225 2.24 -18.92 -25.43
CA LEU C 225 3.46 -18.51 -26.11
C LEU C 225 3.36 -17.07 -26.60
N LEU C 226 2.21 -16.70 -27.17
CA LEU C 226 2.02 -15.34 -27.65
C LEU C 226 2.08 -14.34 -26.50
N VAL C 227 1.40 -14.65 -25.39
CA VAL C 227 1.39 -13.72 -24.26
C VAL C 227 2.79 -13.59 -23.66
N TRP C 228 3.52 -14.71 -23.59
CA TRP C 228 4.87 -14.65 -23.03
C TRP C 228 5.83 -13.89 -23.94
N LEU C 229 5.68 -14.03 -25.27
CA LEU C 229 6.48 -13.21 -26.18
C LEU C 229 6.15 -11.73 -26.03
N VAL C 230 4.86 -11.40 -25.87
CA VAL C 230 4.48 -10.00 -25.67
C VAL C 230 5.15 -9.47 -24.40
N CYS C 231 5.10 -10.26 -23.32
CA CYS C 231 5.73 -9.85 -22.07
C CYS C 231 7.23 -9.68 -22.24
N PHE C 232 7.88 -10.61 -22.95
CA PHE C 232 9.32 -10.55 -23.15
C PHE C 232 9.72 -9.31 -23.92
N PHE C 233 9.03 -9.03 -25.03
CA PHE C 233 9.35 -7.84 -25.80
C PHE C 233 9.09 -6.56 -25.01
N CYS C 234 7.98 -6.52 -24.27
CA CYS C 234 7.68 -5.33 -23.47
C CYS C 234 8.73 -5.08 -22.40
N ILE C 235 9.17 -6.14 -21.72
CA ILE C 235 10.18 -5.99 -20.68
C ILE C 235 11.54 -5.62 -21.28
N TRP C 236 11.92 -6.28 -22.38
CA TRP C 236 13.21 -6.01 -23.00
C TRP C 236 13.28 -4.59 -23.52
N LYS C 237 12.23 -4.11 -24.18
CA LYS C 237 12.19 -2.77 -24.73
C LYS C 237 11.68 -1.73 -23.74
N GLY C 238 11.29 -2.14 -22.54
CA GLY C 238 10.77 -1.20 -21.55
C GLY C 238 9.49 -0.51 -21.99
N VAL C 239 8.57 -1.26 -22.60
CA VAL C 239 7.33 -0.68 -23.09
C VAL C 239 6.35 -0.53 -21.94
N ARG C 240 5.84 0.67 -21.74
CA ARG C 240 4.88 0.94 -20.69
C ARG C 240 3.99 2.11 -21.11
N SER C 241 2.84 2.22 -20.46
CA SER C 241 1.88 3.29 -20.77
C SER C 241 2.33 4.56 -20.07
N THR C 242 3.00 5.44 -20.80
CA THR C 242 3.48 6.71 -20.27
C THR C 242 3.11 7.92 -21.11
N GLY C 243 2.86 7.75 -22.41
CA GLY C 243 2.48 8.85 -23.27
C GLY C 243 1.01 9.20 -23.14
N LYS C 244 0.39 9.54 -24.28
CA LYS C 244 -1.04 9.80 -24.29
C LYS C 244 -1.86 8.53 -24.09
N VAL C 245 -1.25 7.35 -24.26
CA VAL C 245 -2.00 6.10 -24.19
C VAL C 245 -2.40 5.73 -22.77
N VAL C 246 -1.81 6.37 -21.75
CA VAL C 246 -2.17 6.04 -20.37
C VAL C 246 -3.62 6.38 -20.10
N TYR C 247 -4.12 7.47 -20.70
CA TYR C 247 -5.52 7.82 -20.54
C TYR C 247 -6.42 6.66 -20.93
N PHE C 248 -6.23 6.14 -22.14
CA PHE C 248 -7.06 5.02 -22.61
C PHE C 248 -6.83 3.77 -21.78
N THR C 249 -5.55 3.46 -21.47
CA THR C 249 -5.25 2.24 -20.73
C THR C 249 -5.91 2.24 -19.36
N ALA C 250 -5.96 3.40 -18.70
CA ALA C 250 -6.60 3.50 -17.40
C ALA C 250 -8.12 3.56 -17.50
N THR C 251 -8.65 4.30 -18.48
CA THR C 251 -10.09 4.59 -18.51
C THR C 251 -10.91 3.44 -19.11
N PHE C 252 -10.37 2.72 -20.10
CA PHE C 252 -11.09 1.61 -20.71
C PHE C 252 -11.59 0.57 -19.71
N PRO C 253 -10.78 0.08 -18.76
CA PRO C 253 -11.30 -0.95 -17.84
C PRO C 253 -12.53 -0.52 -17.06
N PHE C 254 -12.56 0.72 -16.59
CA PHE C 254 -13.71 1.17 -15.80
C PHE C 254 -14.93 1.47 -16.65
N ALA C 255 -14.73 1.96 -17.88
CA ALA C 255 -15.87 2.10 -18.79
C ALA C 255 -16.50 0.75 -19.08
N MET C 256 -15.65 -0.26 -19.36
CA MET C 256 -16.17 -1.60 -19.61
C MET C 256 -16.86 -2.19 -18.38
N LEU C 257 -16.26 -1.98 -17.19
CA LEU C 257 -16.89 -2.49 -15.97
C LEU C 257 -18.21 -1.80 -15.70
N LEU C 258 -18.30 -0.49 -15.97
CA LEU C 258 -19.56 0.22 -15.82
C LEU C 258 -20.63 -0.31 -16.76
N VAL C 259 -20.26 -0.56 -18.02
CA VAL C 259 -21.22 -1.12 -18.97
C VAL C 259 -21.69 -2.50 -18.51
N LEU C 260 -20.75 -3.35 -18.08
CA LEU C 260 -21.12 -4.69 -17.62
C LEU C 260 -22.03 -4.62 -16.40
N LEU C 261 -21.73 -3.71 -15.47
CA LEU C 261 -22.53 -3.56 -14.26
C LEU C 261 -23.94 -3.08 -14.60
N VAL C 262 -24.05 -2.10 -15.50
CA VAL C 262 -25.37 -1.60 -15.90
C VAL C 262 -26.17 -2.71 -16.56
N ARG C 263 -25.52 -3.51 -17.41
CA ARG C 263 -26.20 -4.67 -17.99
C ARG C 263 -26.65 -5.65 -16.92
N GLY C 264 -25.80 -5.87 -15.91
CA GLY C 264 -26.14 -6.83 -14.87
C GLY C 264 -27.33 -6.39 -14.03
N LEU C 265 -27.36 -5.11 -13.64
CA LEU C 265 -28.44 -4.63 -12.80
C LEU C 265 -29.79 -4.67 -13.52
N THR C 266 -29.81 -4.38 -14.81
CA THR C 266 -31.06 -4.27 -15.56
C THR C 266 -31.63 -5.63 -15.96
N LEU C 267 -30.94 -6.72 -15.64
CA LEU C 267 -31.47 -8.04 -15.93
C LEU C 267 -32.73 -8.31 -15.08
N PRO C 268 -33.66 -9.12 -15.60
CA PRO C 268 -34.91 -9.36 -14.86
C PRO C 268 -34.75 -10.21 -13.62
N GLY C 269 -33.53 -10.64 -13.27
CA GLY C 269 -33.33 -11.44 -12.09
C GLY C 269 -32.15 -11.00 -11.25
N ALA C 270 -31.76 -9.73 -11.38
CA ALA C 270 -30.59 -9.22 -10.66
C ALA C 270 -30.85 -9.09 -9.16
N GLY C 271 -32.11 -8.92 -8.76
CA GLY C 271 -32.41 -8.72 -7.35
C GLY C 271 -32.05 -9.91 -6.49
N ALA C 272 -32.38 -11.12 -6.96
CA ALA C 272 -32.03 -12.32 -6.20
C ALA C 272 -30.52 -12.48 -6.10
N GLY C 273 -29.80 -12.20 -7.20
CA GLY C 273 -28.35 -12.28 -7.16
C GLY C 273 -27.75 -11.29 -6.17
N ILE C 274 -28.26 -10.05 -6.16
CA ILE C 274 -27.77 -9.06 -5.20
C ILE C 274 -28.06 -9.50 -3.77
N LYS C 275 -29.26 -10.04 -3.54
CA LYS C 275 -29.63 -10.51 -2.21
C LYS C 275 -28.72 -11.63 -1.74
N PHE C 276 -28.43 -12.59 -2.63
CA PHE C 276 -27.48 -13.65 -2.28
C PHE C 276 -26.07 -13.10 -2.08
N TYR C 277 -25.72 -12.05 -2.81
CA TYR C 277 -24.39 -11.46 -2.69
C TYR C 277 -24.20 -10.77 -1.35
N LEU C 278 -25.25 -10.14 -0.83
CA LEU C 278 -25.12 -9.31 0.37
C LEU C 278 -25.63 -9.96 1.65
N TYR C 279 -26.46 -10.99 1.56
CA TYR C 279 -27.03 -11.60 2.76
C TYR C 279 -26.00 -12.47 3.47
N PRO C 280 -25.67 -12.20 4.72
CA PRO C 280 -24.72 -13.05 5.45
C PRO C 280 -25.35 -14.39 5.82
N ASP C 281 -24.48 -15.35 6.14
CA ASP C 281 -24.87 -16.69 6.54
C ASP C 281 -24.09 -17.10 7.79
N ILE C 282 -24.06 -16.22 8.79
CA ILE C 282 -23.26 -16.44 9.99
C ILE C 282 -23.70 -17.67 10.76
N THR C 283 -24.90 -18.20 10.49
CA THR C 283 -25.40 -19.34 11.25
C THR C 283 -24.54 -20.58 11.02
N ARG C 284 -24.15 -20.85 9.77
CA ARG C 284 -23.43 -22.07 9.44
C ARG C 284 -22.22 -21.88 8.54
N LEU C 285 -22.06 -20.71 7.91
CA LEU C 285 -20.96 -20.49 6.99
C LEU C 285 -19.68 -20.05 7.68
N GLU C 286 -19.69 -19.89 9.00
CA GLU C 286 -18.47 -19.54 9.72
C GLU C 286 -17.53 -20.75 9.79
N ASP C 287 -16.61 -20.84 8.83
CA ASP C 287 -15.66 -21.92 8.70
C ASP C 287 -14.27 -21.34 8.48
N PRO C 288 -13.22 -22.07 8.82
CA PRO C 288 -11.86 -21.53 8.61
C PRO C 288 -11.56 -21.25 7.14
N GLN C 289 -12.20 -21.98 6.22
CA GLN C 289 -11.97 -21.75 4.80
C GLN C 289 -12.37 -20.34 4.39
N VAL C 290 -13.53 -19.87 4.85
CA VAL C 290 -13.99 -18.54 4.48
C VAL C 290 -13.07 -17.48 5.10
N TRP C 291 -12.61 -17.70 6.33
CA TRP C 291 -11.72 -16.73 6.97
C TRP C 291 -10.40 -16.64 6.21
N ILE C 292 -9.80 -17.78 5.90
CA ILE C 292 -8.53 -17.77 5.15
C ILE C 292 -8.71 -17.14 3.78
N ASP C 293 -9.78 -17.51 3.07
CA ASP C 293 -9.98 -16.98 1.73
C ASP C 293 -10.16 -15.46 1.76
N ALA C 294 -10.99 -14.96 2.69
CA ALA C 294 -11.23 -13.52 2.77
C ALA C 294 -9.99 -12.76 3.19
N GLY C 295 -9.25 -13.28 4.18
CA GLY C 295 -8.03 -12.61 4.61
C GLY C 295 -6.95 -12.62 3.55
N THR C 296 -6.79 -13.74 2.85
CA THR C 296 -5.75 -13.87 1.85
C THR C 296 -6.09 -13.10 0.58
N GLN C 297 -7.38 -12.92 0.28
CA GLN C 297 -7.75 -12.11 -0.88
C GLN C 297 -7.32 -10.66 -0.69
N ILE C 298 -7.39 -10.16 0.55
CA ILE C 298 -6.91 -8.81 0.83
C ILE C 298 -5.42 -8.69 0.50
N PHE C 299 -4.63 -9.67 0.95
CA PHE C 299 -3.19 -9.63 0.70
C PHE C 299 -2.88 -9.78 -0.79
N PHE C 300 -3.60 -10.67 -1.48
CA PHE C 300 -3.31 -10.92 -2.88
C PHE C 300 -3.70 -9.73 -3.76
N SER C 301 -4.84 -9.10 -3.47
CA SER C 301 -5.30 -8.00 -4.30
C SER C 301 -4.34 -6.82 -4.25
N TYR C 302 -3.80 -6.51 -3.07
CA TYR C 302 -2.86 -5.40 -2.91
C TYR C 302 -1.46 -5.74 -3.37
N ALA C 303 -1.22 -6.99 -3.80
CA ALA C 303 0.11 -7.48 -4.16
C ALA C 303 1.08 -7.41 -2.98
N ILE C 304 0.55 -7.38 -1.76
CA ILE C 304 1.40 -7.28 -0.58
C ILE C 304 1.88 -8.67 -0.18
N CYS C 305 2.92 -8.70 0.64
CA CYS C 305 3.70 -9.89 1.01
C CYS C 305 4.48 -10.46 -0.17
N LEU C 306 4.44 -9.81 -1.33
CA LEU C 306 5.19 -10.26 -2.50
C LEU C 306 6.53 -9.56 -2.65
N GLY C 307 6.72 -8.40 -2.01
CA GLY C 307 7.93 -7.63 -2.14
C GLY C 307 7.95 -6.67 -3.28
N ALA C 308 6.94 -6.70 -4.16
CA ALA C 308 6.86 -5.71 -5.23
C ALA C 308 6.62 -4.31 -4.69
N MET C 309 5.80 -4.21 -3.63
CA MET C 309 5.51 -2.91 -3.04
C MET C 309 6.76 -2.25 -2.47
N THR C 310 7.66 -3.05 -1.90
CA THR C 310 8.92 -2.50 -1.43
C THR C 310 9.73 -1.89 -2.56
N SER C 311 9.81 -2.60 -3.70
CA SER C 311 10.59 -2.09 -4.84
C SER C 311 9.92 -0.85 -5.43
N LEU C 312 8.59 -0.81 -5.43
CA LEU C 312 7.91 0.38 -5.89
C LEU C 312 8.14 1.57 -4.95
N GLY C 313 8.14 1.33 -3.64
CA GLY C 313 8.43 2.39 -2.70
C GLY C 313 9.84 2.91 -2.82
N SER C 314 10.78 2.02 -3.15
CA SER C 314 12.15 2.44 -3.43
C SER C 314 12.16 3.58 -4.45
N TYR C 315 11.41 3.42 -5.54
CA TYR C 315 11.34 4.47 -6.55
C TYR C 315 10.82 5.78 -5.99
N ASN C 316 9.88 5.71 -5.05
CA ASN C 316 9.29 6.93 -4.49
C ASN C 316 10.32 7.67 -3.64
N LYS C 317 10.61 8.92 -4.03
CA LYS C 317 11.67 9.68 -3.37
C LYS C 317 11.26 10.16 -1.98
N TYR C 318 9.98 10.53 -1.82
CA TYR C 318 9.53 11.23 -0.62
C TYR C 318 8.03 11.03 -0.41
N HIS C 319 7.41 11.85 0.44
CA HIS C 319 6.05 11.58 0.87
C HIS C 319 5.13 12.71 0.43
N ASN C 320 4.13 12.34 -0.37
CA ASN C 320 3.04 13.23 -0.75
C ASN C 320 1.84 12.94 0.13
N ASN C 321 2.11 12.76 1.42
CA ASN C 321 1.21 12.11 2.36
C ASN C 321 1.10 10.64 2.00
N VAL C 322 2.23 9.94 1.91
CA VAL C 322 2.31 8.51 1.59
C VAL C 322 1.22 7.74 2.33
N TYR C 323 0.96 8.12 3.59
CA TYR C 323 -0.21 7.59 4.30
C TYR C 323 -1.48 7.77 3.47
N ARG C 324 -1.73 8.99 2.98
CA ARG C 324 -2.91 9.25 2.17
C ARG C 324 -2.89 8.46 0.87
N ASP C 325 -1.73 8.37 0.22
CA ASP C 325 -1.64 7.61 -1.03
C ASP C 325 -1.96 6.14 -0.79
N CYS C 326 -1.43 5.56 0.29
CA CYS C 326 -1.72 4.17 0.60
C CYS C 326 -3.19 3.97 0.91
N MET C 327 -3.79 4.89 1.67
CA MET C 327 -5.21 4.76 1.99
C MET C 327 -6.07 4.87 0.73
N LEU C 328 -5.73 5.80 -0.16
CA LEU C 328 -6.46 5.92 -1.42
C LEU C 328 -6.34 4.64 -2.23
N LEU C 329 -5.11 4.12 -2.37
CA LEU C 329 -4.89 2.89 -3.12
C LEU C 329 -5.73 1.76 -2.56
N GLY C 330 -5.64 1.53 -1.24
CA GLY C 330 -6.36 0.42 -0.65
C GLY C 330 -7.87 0.58 -0.71
N CYS C 331 -8.37 1.77 -0.38
CA CYS C 331 -9.81 1.99 -0.40
C CYS C 331 -10.37 1.79 -1.79
N LEU C 332 -9.72 2.33 -2.82
CA LEU C 332 -10.24 2.19 -4.17
C LEU C 332 -10.06 0.77 -4.70
N ASN C 333 -8.97 0.09 -4.32
CA ASN C 333 -8.76 -1.28 -4.76
C ASN C 333 -9.82 -2.21 -4.18
N SER C 334 -10.18 -2.01 -2.91
CA SER C 334 -11.27 -2.80 -2.33
C SER C 334 -12.62 -2.38 -2.90
N GLY C 335 -12.78 -1.08 -3.18
CA GLY C 335 -14.05 -0.60 -3.70
C GLY C 335 -14.36 -1.16 -5.07
N THR C 336 -13.36 -1.22 -5.96
CA THR C 336 -13.63 -1.75 -7.30
C THR C 336 -14.00 -3.24 -7.23
N SER C 337 -13.38 -3.99 -6.32
CA SER C 337 -13.76 -5.39 -6.13
C SER C 337 -15.20 -5.50 -5.66
N PHE C 338 -15.57 -4.72 -4.64
CA PHE C 338 -16.93 -4.78 -4.12
C PHE C 338 -17.94 -4.35 -5.18
N VAL C 339 -17.56 -3.38 -6.01
CA VAL C 339 -18.46 -2.89 -7.05
C VAL C 339 -18.66 -3.94 -8.14
N SER C 340 -17.56 -4.56 -8.61
CA SER C 340 -17.68 -5.61 -9.61
C SER C 340 -18.41 -6.84 -9.08
N GLY C 341 -18.40 -7.04 -7.76
CA GLY C 341 -19.19 -8.12 -7.19
C GLY C 341 -20.67 -7.98 -7.52
N PHE C 342 -21.19 -6.74 -7.51
CA PHE C 342 -22.58 -6.53 -7.86
C PHE C 342 -22.87 -6.99 -9.29
N ALA C 343 -22.01 -6.64 -10.24
CA ALA C 343 -22.22 -7.06 -11.62
C ALA C 343 -22.19 -8.58 -11.74
N ILE C 344 -21.17 -9.21 -11.15
CA ILE C 344 -21.04 -10.67 -11.27
C ILE C 344 -22.26 -11.36 -10.66
N PHE C 345 -22.66 -10.95 -9.46
CA PHE C 345 -23.76 -11.63 -8.79
C PHE C 345 -25.11 -11.30 -9.41
N SER C 346 -25.26 -10.13 -10.03
CA SER C 346 -26.48 -9.85 -10.77
C SER C 346 -26.59 -10.75 -11.99
N ILE C 347 -25.48 -10.96 -12.69
CA ILE C 347 -25.50 -11.91 -13.82
C ILE C 347 -25.85 -13.30 -13.33
N LEU C 348 -25.26 -13.71 -12.21
CA LEU C 348 -25.56 -15.03 -11.64
C LEU C 348 -27.04 -15.15 -11.26
N GLY C 349 -27.60 -14.10 -10.66
CA GLY C 349 -29.00 -14.13 -10.29
C GLY C 349 -29.93 -14.21 -11.49
N PHE C 350 -29.59 -13.48 -12.56
CA PHE C 350 -30.41 -13.58 -13.77
C PHE C 350 -30.33 -14.98 -14.36
N MET C 351 -29.14 -15.57 -14.39
CA MET C 351 -29.01 -16.94 -14.87
C MET C 351 -29.81 -17.91 -14.01
N ALA C 352 -29.84 -17.67 -12.69
CA ALA C 352 -30.66 -18.48 -11.81
C ALA C 352 -32.14 -18.36 -12.13
N GLN C 353 -32.60 -17.13 -12.37
CA GLN C 353 -34.01 -16.93 -12.71
C GLN C 353 -34.36 -17.58 -14.04
N GLU C 354 -33.46 -17.49 -15.02
CA GLU C 354 -33.75 -18.04 -16.35
C GLU C 354 -33.67 -19.55 -16.37
N GLN C 355 -32.67 -20.14 -15.71
CA GLN C 355 -32.46 -21.59 -15.75
C GLN C 355 -33.29 -22.34 -14.72
N GLY C 356 -33.94 -21.63 -13.80
CA GLY C 356 -34.75 -22.29 -12.78
C GLY C 356 -33.97 -23.14 -11.81
N VAL C 357 -32.79 -22.68 -11.39
CA VAL C 357 -31.95 -23.38 -10.43
C VAL C 357 -31.49 -22.38 -9.38
N ASP C 358 -30.92 -22.92 -8.30
CA ASP C 358 -30.46 -22.09 -7.20
C ASP C 358 -29.28 -21.23 -7.62
N ILE C 359 -29.15 -20.07 -6.95
CA ILE C 359 -28.07 -19.14 -7.27
C ILE C 359 -26.71 -19.76 -6.97
N ALA C 360 -26.63 -20.60 -5.94
CA ALA C 360 -25.37 -21.22 -5.55
C ALA C 360 -24.93 -22.34 -6.48
N ASP C 361 -25.76 -22.73 -7.45
CA ASP C 361 -25.43 -23.83 -8.34
C ASP C 361 -25.44 -23.43 -9.82
N VAL C 362 -25.59 -22.15 -10.14
CA VAL C 362 -25.75 -21.75 -11.53
C VAL C 362 -24.46 -21.97 -12.31
N ALA C 363 -23.32 -21.57 -11.74
CA ALA C 363 -22.06 -21.56 -12.44
C ALA C 363 -20.99 -22.26 -11.61
N GLU C 364 -19.79 -22.34 -12.16
CA GLU C 364 -18.68 -23.01 -11.50
C GLU C 364 -18.24 -22.24 -10.26
N SER C 365 -17.97 -22.96 -9.18
CA SER C 365 -17.42 -22.38 -7.95
C SER C 365 -15.89 -22.47 -8.01
N GLY C 366 -15.33 -21.76 -8.98
CA GLY C 366 -13.91 -21.78 -9.21
C GLY C 366 -13.45 -20.66 -10.11
N PRO C 367 -12.21 -20.75 -10.59
CA PRO C 367 -11.67 -19.66 -11.42
C PRO C 367 -12.45 -19.42 -12.71
N GLY C 368 -13.26 -20.36 -13.14
CA GLY C 368 -14.06 -20.21 -14.35
C GLY C 368 -15.29 -19.35 -14.21
N LEU C 369 -15.55 -18.81 -13.03
CA LEU C 369 -16.72 -17.95 -12.85
C LEU C 369 -16.63 -16.71 -13.73
N ALA C 370 -15.44 -16.12 -13.83
CA ALA C 370 -15.27 -14.94 -14.69
C ALA C 370 -15.44 -15.29 -16.17
N PHE C 371 -15.08 -16.51 -16.56
CA PHE C 371 -15.21 -16.94 -17.95
C PHE C 371 -16.57 -17.57 -18.24
N ILE C 372 -17.43 -17.69 -17.24
CA ILE C 372 -18.80 -18.15 -17.44
C ILE C 372 -19.81 -17.02 -17.35
N ALA C 373 -19.66 -16.13 -16.36
CA ALA C 373 -20.66 -15.08 -16.15
C ALA C 373 -20.53 -13.95 -17.18
N TYR C 374 -19.33 -13.43 -17.37
CA TYR C 374 -19.15 -12.31 -18.29
C TYR C 374 -19.53 -12.63 -19.73
N PRO C 375 -19.14 -13.77 -20.32
CA PRO C 375 -19.64 -14.07 -21.67
C PRO C 375 -21.16 -14.10 -21.75
N LYS C 376 -21.83 -14.61 -20.71
CA LYS C 376 -23.28 -14.59 -20.69
C LYS C 376 -23.80 -13.15 -20.72
N ALA C 377 -23.14 -12.25 -19.98
CA ALA C 377 -23.56 -10.86 -19.96
C ALA C 377 -23.38 -10.20 -21.32
N VAL C 378 -22.23 -10.44 -21.97
CA VAL C 378 -22.00 -9.82 -23.28
C VAL C 378 -22.85 -10.47 -24.36
N THR C 379 -23.39 -11.66 -24.10
CA THR C 379 -24.27 -12.30 -25.07
C THR C 379 -25.60 -11.55 -25.21
N MET C 380 -26.03 -10.80 -24.20
CA MET C 380 -27.31 -10.11 -24.22
C MET C 380 -27.18 -8.61 -24.44
N MET C 381 -26.13 -8.19 -25.12
CA MET C 381 -25.99 -6.81 -25.52
C MET C 381 -26.14 -6.67 -27.02
N PRO C 382 -26.58 -5.51 -27.51
CA PRO C 382 -26.69 -5.32 -28.97
C PRO C 382 -25.34 -5.50 -29.63
N LEU C 383 -25.33 -6.27 -30.73
CA LEU C 383 -24.11 -6.69 -31.40
C LEU C 383 -23.16 -7.34 -30.39
N PRO C 384 -23.47 -8.55 -29.93
CA PRO C 384 -22.67 -9.16 -28.85
C PRO C 384 -21.20 -9.33 -29.19
N THR C 385 -20.85 -9.54 -30.46
CA THR C 385 -19.46 -9.75 -30.83
C THR C 385 -18.61 -8.52 -30.51
N PHE C 386 -19.15 -7.32 -30.77
CA PHE C 386 -18.41 -6.08 -30.49
C PHE C 386 -18.06 -5.98 -29.01
N TRP C 387 -19.06 -6.15 -28.15
CA TRP C 387 -18.82 -6.02 -26.71
C TRP C 387 -17.94 -7.14 -26.18
N SER C 388 -18.06 -8.36 -26.74
CA SER C 388 -17.17 -9.43 -26.35
C SER C 388 -15.72 -9.09 -26.68
N ILE C 389 -15.48 -8.57 -27.88
CA ILE C 389 -14.12 -8.20 -28.28
C ILE C 389 -13.56 -7.13 -27.36
N LEU C 390 -14.36 -6.09 -27.09
CA LEU C 390 -13.89 -5.03 -26.20
C LEU C 390 -13.63 -5.55 -24.79
N PHE C 391 -14.51 -6.41 -24.26
CA PHE C 391 -14.32 -6.94 -22.92
C PHE C 391 -13.04 -7.75 -22.82
N PHE C 392 -12.78 -8.62 -23.80
CA PHE C 392 -11.60 -9.45 -23.69
C PHE C 392 -10.31 -8.68 -23.98
N ILE C 393 -10.37 -7.66 -24.82
CA ILE C 393 -9.20 -6.77 -24.97
C ILE C 393 -8.92 -6.05 -23.65
N MET C 394 -9.97 -5.57 -22.98
CA MET C 394 -9.81 -4.95 -21.68
C MET C 394 -9.18 -5.90 -20.68
N LEU C 395 -9.67 -7.14 -20.64
CA LEU C 395 -9.12 -8.12 -19.70
C LEU C 395 -7.65 -8.39 -19.99
N LEU C 396 -7.31 -8.52 -21.28
CA LEU C 396 -5.93 -8.76 -21.65
C LEU C 396 -5.02 -7.61 -21.23
N LEU C 397 -5.47 -6.36 -21.44
CA LEU C 397 -4.65 -5.23 -21.01
C LEU C 397 -4.49 -5.17 -19.50
N LEU C 398 -5.58 -5.39 -18.77
CA LEU C 398 -5.50 -5.38 -17.31
C LEU C 398 -4.54 -6.43 -16.78
N GLY C 399 -4.59 -7.64 -17.35
CA GLY C 399 -3.66 -8.66 -16.91
C GLY C 399 -2.23 -8.41 -17.37
N LEU C 400 -2.08 -7.85 -18.57
CA LEU C 400 -0.75 -7.63 -19.12
C LEU C 400 0.01 -6.58 -18.34
N ASP C 401 -0.68 -5.51 -17.91
CA ASP C 401 0.02 -4.48 -17.15
C ASP C 401 0.55 -5.05 -15.83
N SER C 402 -0.20 -5.83 -15.10
CA SER C 402 0.24 -6.43 -13.84
C SER C 402 1.19 -7.54 -14.05
N GLN C 403 1.13 -8.19 -15.15
CA GLN C 403 2.16 -9.18 -15.46
C GLN C 403 3.49 -8.50 -15.73
N PHE C 404 3.47 -7.41 -16.51
CA PHE C 404 4.71 -6.66 -16.77
C PHE C 404 5.33 -6.18 -15.47
N VAL C 405 4.49 -5.63 -14.57
CA VAL C 405 5.00 -5.14 -13.29
C VAL C 405 5.66 -6.28 -12.51
N GLU C 406 4.99 -7.43 -12.45
CA GLU C 406 5.49 -8.53 -11.62
C GLU C 406 6.77 -9.13 -12.17
N VAL C 407 6.83 -9.36 -13.49
CA VAL C 407 8.07 -9.88 -14.07
C VAL C 407 9.20 -8.87 -13.95
N GLU C 408 8.90 -7.57 -14.10
CA GLU C 408 9.94 -6.57 -13.90
C GLU C 408 10.49 -6.61 -12.49
N GLY C 409 9.60 -6.70 -11.49
CA GLY C 409 10.07 -6.78 -10.12
C GLY C 409 10.87 -8.03 -9.84
N GLN C 410 10.42 -9.17 -10.38
CA GLN C 410 11.14 -10.42 -10.18
C GLN C 410 12.53 -10.36 -10.81
N ILE C 411 12.62 -9.83 -12.03
CA ILE C 411 13.91 -9.71 -12.70
C ILE C 411 14.83 -8.78 -11.90
N THR C 412 14.28 -7.66 -11.42
CA THR C 412 15.09 -6.72 -10.66
C THR C 412 15.64 -7.37 -9.39
N SER C 413 14.79 -8.10 -8.66
CA SER C 413 15.25 -8.73 -7.43
C SER C 413 16.29 -9.81 -7.72
N LEU C 414 16.08 -10.60 -8.78
CA LEU C 414 17.01 -11.68 -9.08
C LEU C 414 18.36 -11.15 -9.54
N VAL C 415 18.37 -10.06 -10.32
CA VAL C 415 19.65 -9.48 -10.72
C VAL C 415 20.31 -8.78 -9.53
N ASP C 416 19.52 -8.20 -8.62
CA ASP C 416 20.10 -7.60 -7.42
C ASP C 416 20.70 -8.66 -6.50
N LEU C 417 20.21 -9.90 -6.57
CA LEU C 417 20.82 -10.96 -5.77
C LEU C 417 22.21 -11.32 -6.27
N TYR C 418 22.43 -11.31 -7.58
CA TYR C 418 23.71 -11.67 -8.18
C TYR C 418 24.09 -10.64 -9.25
N PRO C 419 24.43 -9.41 -8.85
CA PRO C 419 24.86 -8.41 -9.84
C PRO C 419 26.21 -8.72 -10.47
N SER C 420 27.02 -9.59 -9.85
CA SER C 420 28.37 -9.83 -10.34
C SER C 420 28.37 -10.48 -11.72
N PHE C 421 27.39 -11.35 -11.98
CA PHE C 421 27.31 -12.07 -13.25
C PHE C 421 26.05 -11.74 -14.03
N LEU C 422 24.89 -11.72 -13.37
CA LEU C 422 23.64 -11.46 -14.08
C LEU C 422 23.59 -10.03 -14.62
N ARG C 423 24.06 -9.06 -13.83
CA ARG C 423 24.01 -7.65 -14.20
C ARG C 423 25.36 -7.13 -14.67
N LYS C 424 26.30 -8.01 -15.00
CA LYS C 424 27.63 -7.59 -15.42
C LYS C 424 27.66 -6.99 -16.82
N GLY C 425 26.59 -7.13 -17.60
CA GLY C 425 26.56 -6.60 -18.94
C GLY C 425 25.26 -6.85 -19.66
N TYR C 426 25.34 -7.28 -20.93
CA TYR C 426 24.16 -7.56 -21.73
C TYR C 426 23.50 -8.88 -21.39
N ARG C 427 24.02 -9.61 -20.40
CA ARG C 427 23.43 -10.88 -19.98
C ARG C 427 22.07 -10.71 -19.33
N ARG C 428 21.66 -9.48 -19.01
CA ARG C 428 20.36 -9.25 -18.41
C ARG C 428 19.23 -9.66 -19.36
N GLU C 429 19.39 -9.36 -20.66
CA GLU C 429 18.38 -9.79 -21.63
C GLU C 429 18.31 -11.30 -21.73
N ILE C 430 19.46 -11.97 -21.70
CA ILE C 430 19.47 -13.43 -21.73
C ILE C 430 18.80 -13.99 -20.48
N PHE C 431 19.03 -13.34 -19.33
CA PHE C 431 18.37 -13.77 -18.10
C PHE C 431 16.86 -13.61 -18.19
N ILE C 432 16.40 -12.50 -18.77
CA ILE C 432 14.96 -12.29 -18.96
C ILE C 432 14.38 -13.37 -19.86
N ALA C 433 15.07 -13.68 -20.96
CA ALA C 433 14.61 -14.72 -21.86
C ALA C 433 14.57 -16.08 -21.16
N PHE C 434 15.59 -16.37 -20.34
CA PHE C 434 15.62 -17.62 -19.58
C PHE C 434 14.45 -17.70 -18.62
N VAL C 435 14.17 -16.60 -17.90
CA VAL C 435 13.05 -16.60 -16.96
C VAL C 435 11.73 -16.81 -17.70
N CYS C 436 11.55 -16.13 -18.83
CA CYS C 436 10.32 -16.28 -19.60
C CYS C 436 10.17 -17.72 -20.11
N SER C 437 11.26 -18.32 -20.60
CA SER C 437 11.19 -19.68 -21.12
C SER C 437 10.85 -20.68 -20.02
N ILE C 438 11.51 -20.57 -18.87
CA ILE C 438 11.22 -21.50 -17.77
C ILE C 438 9.79 -21.32 -17.28
N SER C 439 9.33 -20.07 -17.17
CA SER C 439 7.96 -19.84 -16.74
C SER C 439 6.96 -20.40 -17.73
N TYR C 440 7.24 -20.28 -19.04
CA TYR C 440 6.36 -20.84 -20.05
C TYR C 440 6.31 -22.36 -19.95
N LEU C 441 7.47 -23.00 -19.78
CA LEU C 441 7.51 -24.45 -19.66
C LEU C 441 6.76 -24.91 -18.41
N LEU C 442 6.90 -24.18 -17.31
CA LEU C 442 6.17 -24.52 -16.09
C LEU C 442 4.67 -24.34 -16.28
N GLY C 443 4.26 -23.30 -17.00
CA GLY C 443 2.85 -23.08 -17.27
C GLY C 443 2.25 -24.07 -18.24
N LEU C 444 3.08 -24.76 -19.04
CA LEU C 444 2.58 -25.82 -19.90
C LEU C 444 1.81 -26.88 -19.12
N THR C 445 2.16 -27.11 -17.85
CA THR C 445 1.48 -28.13 -17.06
C THR C 445 0.00 -27.80 -16.89
N MET C 446 -0.35 -26.52 -16.89
CA MET C 446 -1.73 -26.07 -16.73
C MET C 446 -2.43 -25.84 -18.06
N VAL C 447 -1.78 -26.19 -19.18
CA VAL C 447 -2.42 -26.13 -20.49
C VAL C 447 -3.08 -27.44 -20.88
N THR C 448 -2.67 -28.56 -20.28
CA THR C 448 -3.23 -29.86 -20.63
C THR C 448 -4.72 -29.92 -20.27
N GLU C 449 -5.35 -31.01 -20.71
CA GLU C 449 -6.77 -31.22 -20.43
C GLU C 449 -7.05 -31.26 -18.94
N GLY C 450 -6.08 -31.72 -18.14
CA GLY C 450 -6.24 -31.72 -16.70
C GLY C 450 -5.56 -30.54 -16.04
N GLY C 451 -5.28 -29.50 -16.85
CA GLY C 451 -4.57 -28.33 -16.34
C GLY C 451 -5.40 -27.46 -15.40
N MET C 452 -6.73 -27.57 -15.45
CA MET C 452 -7.57 -26.77 -14.57
C MET C 452 -7.31 -27.12 -13.11
N TYR C 453 -7.14 -28.41 -12.80
CA TYR C 453 -6.87 -28.82 -11.43
C TYR C 453 -5.53 -28.27 -10.95
N VAL C 454 -4.52 -28.31 -11.81
CA VAL C 454 -3.22 -27.77 -11.46
C VAL C 454 -3.31 -26.27 -11.23
N PHE C 455 -4.08 -25.58 -12.07
CA PHE C 455 -4.27 -24.14 -11.90
C PHE C 455 -4.96 -23.84 -10.57
N GLN C 456 -5.98 -24.61 -10.22
CA GLN C 456 -6.69 -24.40 -8.96
C GLN C 456 -5.76 -24.63 -7.78
N LEU C 457 -4.97 -25.70 -7.82
CA LEU C 457 -4.02 -25.98 -6.75
C LEU C 457 -2.99 -24.87 -6.61
N PHE C 458 -2.46 -24.39 -7.74
CA PHE C 458 -1.47 -23.32 -7.73
C PHE C 458 -2.06 -22.04 -7.15
N ASP C 459 -3.29 -21.70 -7.56
CA ASP C 459 -3.94 -20.50 -7.05
C ASP C 459 -4.17 -20.62 -5.55
N TYR C 460 -4.61 -21.80 -5.09
CA TYR C 460 -4.95 -21.95 -3.68
C TYR C 460 -3.72 -21.94 -2.79
N TYR C 461 -2.61 -22.53 -3.23
CA TYR C 461 -1.46 -22.73 -2.36
C TYR C 461 -0.23 -21.91 -2.73
N ALA C 462 0.16 -21.89 -4.01
CA ALA C 462 1.47 -21.39 -4.38
C ALA C 462 1.63 -19.91 -4.06
N ALA C 463 0.64 -19.09 -4.42
CA ALA C 463 0.72 -17.65 -4.24
C ALA C 463 -0.43 -17.11 -3.39
N SER C 464 -1.03 -17.97 -2.58
CA SER C 464 -2.15 -17.58 -1.73
C SER C 464 -2.31 -18.62 -0.64
N GLY C 465 -3.07 -18.26 0.38
CA GLY C 465 -3.40 -19.17 1.47
C GLY C 465 -2.56 -18.90 2.70
N VAL C 466 -1.97 -19.96 3.26
CA VAL C 466 -1.23 -19.84 4.51
C VAL C 466 0.08 -19.08 4.32
N CYS C 467 0.64 -19.09 3.11
CA CYS C 467 1.92 -18.43 2.89
C CYS C 467 1.85 -16.93 3.11
N LEU C 468 0.78 -16.29 2.60
CA LEU C 468 0.63 -14.85 2.78
C LEU C 468 0.45 -14.50 4.24
N LEU C 469 -0.35 -15.30 4.97
CA LEU C 469 -0.51 -15.08 6.41
C LEU C 469 0.82 -15.22 7.13
N TRP C 470 1.60 -16.24 6.76
CA TRP C 470 2.92 -16.45 7.35
C TRP C 470 3.81 -15.22 7.14
N VAL C 471 3.88 -14.73 5.91
CA VAL C 471 4.77 -13.61 5.60
C VAL C 471 4.31 -12.34 6.31
N ALA C 472 3.00 -12.05 6.28
CA ALA C 472 2.48 -10.86 6.94
C ALA C 472 2.69 -10.91 8.44
N PHE C 473 2.45 -12.08 9.05
CA PHE C 473 2.65 -12.24 10.48
C PHE C 473 4.10 -12.00 10.85
N PHE C 474 5.03 -12.58 10.10
CA PHE C 474 6.44 -12.37 10.43
C PHE C 474 6.85 -10.92 10.22
N GLU C 475 6.38 -10.26 9.16
CA GLU C 475 6.74 -8.86 8.95
C GLU C 475 6.25 -8.00 10.12
N CYS C 476 4.96 -8.13 10.45
CA CYS C 476 4.40 -7.31 11.53
C CYS C 476 5.04 -7.64 12.87
N PHE C 477 5.26 -8.92 13.15
CA PHE C 477 5.89 -9.31 14.41
C PHE C 477 7.30 -8.72 14.52
N VAL C 478 8.09 -8.86 13.46
CA VAL C 478 9.45 -8.32 13.49
C VAL C 478 9.43 -6.83 13.75
N ILE C 479 8.67 -6.08 12.94
CA ILE C 479 8.70 -4.63 13.08
C ILE C 479 8.16 -4.18 14.43
N ALA C 480 7.08 -4.82 14.90
CA ALA C 480 6.46 -4.37 16.14
C ALA C 480 7.32 -4.72 17.37
N TRP C 481 7.93 -5.91 17.39
CA TRP C 481 8.54 -6.42 18.61
C TRP C 481 10.06 -6.48 18.55
N ILE C 482 10.62 -7.04 17.48
CA ILE C 482 12.06 -7.24 17.42
C ILE C 482 12.77 -5.94 17.08
N TYR C 483 12.44 -5.35 15.93
CA TYR C 483 12.98 -4.04 15.59
C TYR C 483 12.47 -2.97 16.54
N GLY C 484 11.18 -3.01 16.88
CA GLY C 484 10.61 -2.03 17.77
C GLY C 484 9.58 -1.13 17.13
N GLY C 485 8.35 -1.15 17.65
CA GLY C 485 7.32 -0.26 17.14
C GLY C 485 7.68 1.20 17.33
N ASN C 486 8.29 1.54 18.47
CA ASN C 486 8.73 2.91 18.70
C ASN C 486 9.78 3.33 17.69
N ARG C 487 10.74 2.45 17.40
CA ARG C 487 11.75 2.76 16.39
C ARG C 487 11.15 2.93 15.01
N PHE C 488 10.18 2.07 14.66
CA PHE C 488 9.52 2.19 13.36
C PHE C 488 8.75 3.50 13.25
N SER C 489 8.05 3.88 14.32
CA SER C 489 7.34 5.15 14.33
C SER C 489 8.30 6.33 14.23
N GLU C 490 9.46 6.22 14.89
CA GLU C 490 10.48 7.25 14.79
C GLU C 490 10.99 7.39 13.35
N ASP C 491 11.23 6.25 12.69
CA ASP C 491 11.66 6.27 11.29
C ASP C 491 10.60 6.91 10.41
N ILE C 492 9.33 6.56 10.65
CA ILE C 492 8.24 7.12 9.85
C ILE C 492 8.11 8.62 10.09
N ARG C 493 8.35 9.07 11.32
CA ARG C 493 8.37 10.49 11.61
C ARG C 493 9.48 11.17 10.81
N ASP C 494 10.69 10.59 10.84
CA ASP C 494 11.80 11.18 10.09
C ASP C 494 11.51 11.23 8.60
N MET C 495 10.77 10.25 8.08
CA MET C 495 10.53 10.18 6.65
C MET C 495 9.39 11.10 6.21
N ILE C 496 8.18 10.86 6.73
CA ILE C 496 6.99 11.55 6.24
C ILE C 496 6.54 12.70 7.13
N GLY C 497 7.08 12.82 8.34
CA GLY C 497 6.83 13.97 9.19
C GLY C 497 5.86 13.72 10.34
N PHE C 498 5.07 12.66 10.30
CA PHE C 498 4.14 12.39 11.38
C PHE C 498 4.15 10.89 11.71
N PRO C 499 3.84 10.53 12.94
CA PRO C 499 3.85 9.11 13.33
C PRO C 499 2.67 8.37 12.73
N PRO C 500 2.72 7.03 12.70
CA PRO C 500 1.60 6.27 12.13
C PRO C 500 0.28 6.50 12.84
N GLY C 501 0.30 6.75 14.14
CA GLY C 501 -0.91 6.89 14.91
C GLY C 501 -1.26 5.60 15.64
N PRO C 502 -2.23 5.69 16.56
CA PRO C 502 -2.59 4.49 17.34
C PRO C 502 -3.11 3.34 16.48
N TRP C 503 -3.84 3.64 15.40
CA TRP C 503 -4.44 2.58 14.59
C TRP C 503 -3.36 1.68 14.00
N MET C 504 -2.39 2.26 13.31
CA MET C 504 -1.37 1.45 12.64
C MET C 504 -0.47 0.74 13.64
N LYS C 505 -0.06 1.45 14.70
CA LYS C 505 0.82 0.84 15.69
C LYS C 505 0.15 -0.34 16.37
N TYR C 506 -1.08 -0.15 16.84
CA TYR C 506 -1.78 -1.26 17.48
C TYR C 506 -2.12 -2.37 16.50
N SER C 507 -2.43 -2.03 15.24
CA SER C 507 -2.68 -3.06 14.26
C SER C 507 -1.45 -3.96 14.10
N TRP C 508 -0.29 -3.35 13.84
CA TRP C 508 0.94 -4.12 13.67
C TRP C 508 1.29 -4.90 14.93
N ALA C 509 1.08 -4.30 16.11
CA ALA C 509 1.50 -4.94 17.35
C ALA C 509 0.62 -6.14 17.69
N VAL C 510 -0.69 -6.04 17.48
CA VAL C 510 -1.60 -7.07 17.98
C VAL C 510 -2.46 -7.63 16.85
N ILE C 511 -3.15 -6.76 16.12
CA ILE C 511 -4.32 -7.19 15.35
C ILE C 511 -3.90 -8.11 14.21
N THR C 512 -2.91 -7.69 13.42
CA THR C 512 -2.46 -8.54 12.32
C THR C 512 -1.83 -9.85 12.80
N PRO C 513 -0.89 -9.86 13.76
CA PRO C 513 -0.40 -11.16 14.25
C PRO C 513 -1.49 -12.04 14.84
N VAL C 514 -2.41 -11.46 15.62
CA VAL C 514 -3.48 -12.25 16.21
C VAL C 514 -4.39 -12.82 15.13
N LEU C 515 -4.76 -11.99 14.14
CA LEU C 515 -5.63 -12.47 13.07
C LEU C 515 -4.97 -13.59 12.29
N CYS C 516 -3.69 -13.42 11.93
CA CYS C 516 -2.99 -14.44 11.14
C CYS C 516 -2.85 -15.74 11.93
N VAL C 517 -2.42 -15.64 13.19
CA VAL C 517 -2.23 -16.83 14.01
C VAL C 517 -3.57 -17.54 14.25
N GLY C 518 -4.61 -16.77 14.55
CA GLY C 518 -5.92 -17.36 14.76
C GLY C 518 -6.45 -18.08 13.53
N CYS C 519 -6.30 -17.46 12.36
CA CYS C 519 -6.74 -18.11 11.13
C CYS C 519 -5.96 -19.38 10.85
N PHE C 520 -4.63 -19.34 11.05
CA PHE C 520 -3.82 -20.52 10.81
C PHE C 520 -4.21 -21.66 11.75
N ILE C 521 -4.37 -21.34 13.03
CA ILE C 521 -4.73 -22.37 14.02
C ILE C 521 -6.13 -22.90 13.76
N PHE C 522 -7.07 -22.01 13.40
CA PHE C 522 -8.44 -22.43 13.12
C PHE C 522 -8.47 -23.36 11.90
N SER C 523 -7.66 -23.05 10.88
CA SER C 523 -7.57 -23.94 9.74
C SER C 523 -6.98 -25.29 10.12
N LEU C 524 -5.92 -25.28 10.94
CA LEU C 524 -5.31 -26.55 11.32
C LEU C 524 -6.26 -27.42 12.15
N VAL C 525 -7.00 -26.80 13.06
CA VAL C 525 -7.90 -27.56 13.92
C VAL C 525 -9.09 -28.10 13.13
N LYS C 526 -9.66 -27.26 12.26
CA LYS C 526 -10.86 -27.61 11.50
C LYS C 526 -10.54 -27.83 10.02
N TYR C 527 -9.43 -28.53 9.76
CA TYR C 527 -8.93 -28.69 8.41
C TYR C 527 -9.93 -29.41 7.51
N VAL C 528 -10.12 -28.87 6.31
CA VAL C 528 -10.91 -29.52 5.27
C VAL C 528 -10.10 -29.50 3.97
N PRO C 529 -10.09 -30.57 3.19
CA PRO C 529 -9.24 -30.61 2.00
C PRO C 529 -9.77 -29.70 0.90
N LEU C 530 -8.85 -29.27 0.04
CA LEU C 530 -9.23 -28.46 -1.10
C LEU C 530 -9.99 -29.30 -2.12
N THR C 531 -11.03 -28.69 -2.70
CA THR C 531 -11.87 -29.37 -3.68
C THR C 531 -12.07 -28.47 -4.88
N TYR C 532 -11.86 -29.02 -6.07
CA TYR C 532 -12.17 -28.28 -7.30
C TYR C 532 -13.68 -28.18 -7.46
N ASN C 533 -14.14 -26.98 -7.80
CA ASN C 533 -15.57 -26.66 -7.85
C ASN C 533 -16.15 -26.97 -6.48
N LYS C 534 -17.16 -27.83 -6.36
CA LYS C 534 -17.63 -28.25 -5.04
C LYS C 534 -17.97 -29.73 -4.99
N THR C 535 -17.51 -30.52 -5.97
CA THR C 535 -17.77 -31.95 -6.00
C THR C 535 -16.55 -32.82 -6.24
N TYR C 536 -15.48 -32.30 -6.83
CA TYR C 536 -14.28 -33.08 -7.09
C TYR C 536 -13.34 -33.03 -5.90
N VAL C 537 -12.92 -34.20 -5.43
CA VAL C 537 -12.02 -34.31 -4.29
C VAL C 537 -10.61 -34.58 -4.81
N TYR C 538 -9.67 -33.75 -4.40
CA TYR C 538 -8.28 -33.92 -4.82
C TYR C 538 -7.67 -35.16 -4.16
N PRO C 539 -6.76 -35.84 -4.85
CA PRO C 539 -6.05 -36.95 -4.22
C PRO C 539 -5.06 -36.46 -3.18
N ASN C 540 -4.58 -37.40 -2.35
CA ASN C 540 -3.66 -37.05 -1.28
C ASN C 540 -2.35 -36.48 -1.84
N TRP C 541 -1.86 -37.04 -2.95
CA TRP C 541 -0.61 -36.55 -3.52
C TRP C 541 -0.76 -35.14 -4.07
N ALA C 542 -1.93 -34.79 -4.62
CA ALA C 542 -2.15 -33.42 -5.07
C ALA C 542 -2.14 -32.44 -3.90
N ILE C 543 -2.76 -32.83 -2.79
CA ILE C 543 -2.74 -31.98 -1.60
C ILE C 543 -1.30 -31.83 -1.08
N GLY C 544 -0.53 -32.93 -1.12
CA GLY C 544 0.86 -32.84 -0.74
C GLY C 544 1.66 -31.91 -1.64
N LEU C 545 1.39 -31.96 -2.95
CA LEU C 545 2.07 -31.05 -3.87
C LEU C 545 1.70 -29.61 -3.60
N GLY C 546 0.43 -29.33 -3.32
CA GLY C 546 0.04 -27.97 -2.98
C GLY C 546 0.69 -27.48 -1.69
N TRP C 547 0.73 -28.34 -0.68
CA TRP C 547 1.42 -27.97 0.55
C TRP C 547 2.90 -27.79 0.33
N SER C 548 3.49 -28.54 -0.60
CA SER C 548 4.89 -28.32 -0.97
C SER C 548 5.08 -26.96 -1.62
N LEU C 549 4.15 -26.56 -2.49
CA LEU C 549 4.21 -25.23 -3.09
C LEU C 549 4.13 -24.14 -2.01
N ALA C 550 3.23 -24.31 -1.04
CA ALA C 550 3.14 -23.33 0.05
C ALA C 550 4.39 -23.33 0.91
N LEU C 551 4.94 -24.51 1.19
CA LEU C 551 6.12 -24.60 2.03
C LEU C 551 7.36 -24.06 1.32
N SER C 552 7.38 -24.08 -0.01
CA SER C 552 8.51 -23.51 -0.74
C SER C 552 8.70 -22.04 -0.39
N SER C 553 7.62 -21.35 -0.02
CA SER C 553 7.71 -19.97 0.47
C SER C 553 7.78 -19.90 1.99
N MET C 554 7.03 -20.77 2.69
CA MET C 554 7.00 -20.69 4.15
C MET C 554 8.35 -21.03 4.78
N LEU C 555 9.06 -22.03 4.23
CA LEU C 555 10.30 -22.50 4.80
C LEU C 555 11.47 -21.55 4.59
N CYS C 556 11.29 -20.50 3.80
CA CYS C 556 12.40 -19.59 3.51
C CYS C 556 12.90 -18.91 4.78
N VAL C 557 11.99 -18.46 5.65
CA VAL C 557 12.41 -17.78 6.88
C VAL C 557 13.21 -18.69 7.80
N PRO C 558 12.74 -19.88 8.18
CA PRO C 558 13.56 -20.72 9.07
C PRO C 558 14.88 -21.15 8.46
N LEU C 559 14.89 -21.47 7.17
CA LEU C 559 16.13 -21.89 6.51
C LEU C 559 17.15 -20.77 6.52
N VAL C 560 16.72 -19.55 6.19
CA VAL C 560 17.63 -18.41 6.24
C VAL C 560 18.10 -18.16 7.66
N ILE C 561 17.20 -18.32 8.64
CA ILE C 561 17.59 -18.10 10.03
C ILE C 561 18.70 -19.05 10.43
N VAL C 562 18.54 -20.34 10.14
CA VAL C 562 19.56 -21.29 10.55
C VAL C 562 20.85 -21.08 9.75
N ILE C 563 20.74 -20.70 8.48
CA ILE C 563 21.93 -20.47 7.66
C ILE C 563 22.75 -19.31 8.23
N ARG C 564 22.09 -18.18 8.54
CA ARG C 564 22.83 -17.06 9.09
C ARG C 564 23.32 -17.33 10.50
N LEU C 565 22.60 -18.14 11.28
CA LEU C 565 23.12 -18.54 12.59
C LEU C 565 24.39 -19.37 12.45
N CYS C 566 24.44 -20.28 11.48
CA CYS C 566 25.62 -21.09 11.28
C CYS C 566 26.76 -20.31 10.64
N GLN C 567 26.43 -19.32 9.80
CA GLN C 567 27.42 -18.54 9.07
C GLN C 567 27.92 -17.32 9.84
N THR C 568 27.68 -17.28 11.14
CA THR C 568 28.13 -16.18 11.99
C THR C 568 29.06 -16.71 13.07
N GLU C 569 30.14 -15.98 13.32
CA GLU C 569 31.13 -16.39 14.30
C GLU C 569 30.69 -15.99 15.71
N GLY C 570 31.34 -16.58 16.70
CA GLY C 570 31.07 -16.26 18.09
C GLY C 570 30.07 -17.20 18.73
N PRO C 571 29.87 -17.06 20.04
CA PRO C 571 28.88 -17.89 20.75
C PRO C 571 27.48 -17.66 20.21
N PHE C 572 26.58 -18.57 20.59
CA PHE C 572 25.20 -18.55 20.08
C PHE C 572 24.50 -17.25 20.45
N LEU C 573 24.65 -16.82 21.70
CA LEU C 573 24.07 -15.55 22.12
C LEU C 573 24.69 -14.39 21.36
N VAL C 574 26.01 -14.42 21.16
CA VAL C 574 26.67 -13.38 20.38
C VAL C 574 26.20 -13.43 18.94
N ARG C 575 26.01 -14.63 18.39
CA ARG C 575 25.51 -14.78 17.03
C ARG C 575 24.15 -14.11 16.88
N VAL C 576 23.21 -14.45 17.77
CA VAL C 576 21.86 -13.91 17.68
C VAL C 576 21.85 -12.41 17.94
N LYS C 577 22.69 -11.94 18.87
CA LYS C 577 22.77 -10.51 19.12
C LYS C 577 23.29 -9.76 17.91
N TYR C 578 24.30 -10.31 17.23
CA TYR C 578 24.84 -9.66 16.05
C TYR C 578 23.85 -9.66 14.89
N LEU C 579 23.05 -10.73 14.77
CA LEU C 579 22.10 -10.81 13.66
C LEU C 579 20.76 -10.13 13.95
N LEU C 580 20.48 -9.80 15.21
CA LEU C 580 19.26 -9.04 15.53
C LEU C 580 19.48 -7.54 15.37
N THR C 581 20.66 -7.05 15.70
CA THR C 581 20.92 -5.61 15.63
C THR C 581 20.88 -5.14 14.18
N PRO C 582 20.08 -4.13 13.85
CA PRO C 582 20.03 -3.65 12.47
C PRO C 582 21.35 -3.03 12.04
N ARG C 583 21.64 -3.15 10.74
CA ARG C 583 22.86 -2.58 10.19
C ARG C 583 22.76 -1.07 10.12
N GLU C 584 23.92 -0.42 9.96
CA GLU C 584 24.00 1.03 9.89
C GLU C 584 23.32 1.56 8.63
CL CL D . -10.16 -7.72 -3.85
CA KFB E . -2.84 -7.90 -7.85
CB KFB E . -2.04 -8.75 -8.83
CG KFB E . -1.44 -9.99 -8.19
CD KFB E . -1.17 -9.77 -6.71
C KFB E . -4.27 -7.68 -8.33
O KFB E . -4.91 -6.66 -7.99
OXT KFB E . -4.83 -8.54 -9.04
N KFB E . -0.71 -10.99 -6.07
#